data_7KMP
#
_entry.id   7KMP
#
_cell.length_a   117.450
_cell.length_b   146.410
_cell.length_c   63.130
_cell.angle_alpha   90.000
_cell.angle_beta   90.000
_cell.angle_gamma   90.000
#
_symmetry.space_group_name_H-M   'P 21 21 2'
#
loop_
_entity.id
_entity.type
_entity.pdbx_description
1 polymer Alpha-xylosidase
2 non-polymer GLYCEROL
3 non-polymer 'POTASSIUM ION'
4 water water
#
_entity_poly.entity_id   1
_entity_poly.type   'polypeptide(L)'
_entity_poly.pdbx_seq_one_letter_code
;MGSSHHHHHHSSGLVPRGSHIMQTTIRSAGAMPANRRTSLAQCLALSLALLANAAHAQEVRKAADGVTVVPSAKGAAPVR
LQVVDAGIIRVSADPDGDFARSPSLMRVPVQGDTAFQVAEQGDSVQLKTGKVTASISTVDGHVSFADANGKPVLSEVAGG
RSFAPLNVEGKQYLSVRQRFQSPDDEALYGFGQHQQGWMNQKGRNVELQQNNIDMAVPYLVSSRNYGLLWDNNSITRLGD
PRGLQPLPKTLTLYDAKGKAGALTARYAINGKHILERRESEVNYQYLSDLTKYPKKAITKDKNSRMQVTWEGEIEVLTGG
EHTFSLYSSEYAKLYVDGKLVVDRWRQNWNPWNHEFKLDLEPGQRHTVKVEWDLIDPSYIALLHRDPLPAAEAKDLSLWS
EAGQMIDYYFVSADSYDQAVAGYRALTGKSTMLPKWAYGFWQSRERYKSQDELVGAVAEYRKRKLSLDNIVLDWSYWPEN
AWGSHDFDPQHFPDPDGMVKAVHDMHAQIMISIWPKFYPTTANYKELDAAGFMFKRNVEVGELDWIGKGYKNSFYDPYSE
KAQAIYWRQINEKLNSKGFDAWWMDADEPDVHSNLDIAERKARTTPNALGSSTEYFNSYPLPHTHGVYVGDRAADDKRVF
ILSRKGYAGTQRNAVAVWSGDIVSRWDDMRDQISGGVNMALSGLPNWTFDIGGFAVEKRYEDQDPAHLPEWRELNTRWFQ
FGAFVPIFRSHGQFPYREIWNIAPEGTPFYESMAYYNRLRSALLPYIYSLAGDTYQRDGVIMRGMMMDFPNDPKVRDIND
QYLFGPAFLVAPVTRFGATSRQVYLPAGSSWLEFATGKRYEGGQSIEAAAPIERMPLFVRAGSIVPTGPVQEYVDQVADA
PLTVVVYTGADGQFSLYEDDGKGYGYEKGEFSRIPLVWNQAKGELSIGKREGSWTGMQAKRTINVRFVDGPRDDAGALAP
KTDASIQYDGKPVSVLQRKIASGKARRR
;
_entity_poly.pdbx_strand_id   A
#
# COMPACT_ATOMS: atom_id res chain seq x y z
N GLU A 59 18.80 24.03 31.61
CA GLU A 59 18.23 25.23 31.03
C GLU A 59 16.88 24.96 30.36
N VAL A 60 15.98 25.93 30.45
CA VAL A 60 14.66 25.90 29.81
C VAL A 60 14.51 27.19 29.01
N ARG A 61 14.29 27.07 27.70
CA ARG A 61 14.18 28.22 26.81
C ARG A 61 12.82 28.22 26.14
N LYS A 62 12.08 29.32 26.30
CA LYS A 62 10.75 29.43 25.71
C LYS A 62 10.81 30.09 24.34
N ALA A 63 9.99 29.59 23.42
CA ALA A 63 9.86 30.16 22.09
C ALA A 63 8.39 30.45 21.83
N ALA A 64 8.12 31.15 20.72
CA ALA A 64 6.74 31.50 20.40
C ALA A 64 5.88 30.25 20.16
N ASP A 65 6.50 29.14 19.77
CA ASP A 65 5.74 27.92 19.45
C ASP A 65 6.17 26.71 20.27
N GLY A 66 6.92 26.91 21.36
CA GLY A 66 7.21 25.77 22.22
C GLY A 66 8.36 26.06 23.18
N VAL A 67 9.08 25.00 23.54
CA VAL A 67 10.12 25.07 24.57
C VAL A 67 11.25 24.11 24.22
N THR A 68 12.46 24.48 24.60
CA THR A 68 13.63 23.62 24.53
C THR A 68 14.17 23.39 25.93
N VAL A 69 14.50 22.13 26.23
CA VAL A 69 15.07 21.73 27.52
C VAL A 69 16.43 21.10 27.26
N VAL A 70 17.43 21.55 28.02
CA VAL A 70 18.73 20.90 28.06
C VAL A 70 18.78 20.07 29.34
N PRO A 71 18.68 18.74 29.25
CA PRO A 71 18.59 17.93 30.47
C PRO A 71 19.86 17.95 31.28
N SER A 72 19.72 17.74 32.58
CA SER A 72 20.86 17.84 33.50
C SER A 72 21.74 16.60 33.48
N ALA A 73 21.19 15.45 33.14
CA ALA A 73 21.96 14.20 33.13
C ALA A 73 23.03 14.23 32.04
N LYS A 74 24.18 13.67 32.36
CA LYS A 74 25.26 13.52 31.40
C LYS A 74 24.83 12.59 30.27
N GLY A 75 25.01 13.03 29.04
CA GLY A 75 24.70 12.22 27.89
C GLY A 75 23.26 12.29 27.41
N ALA A 76 22.37 12.94 28.17
CA ALA A 76 20.99 13.10 27.72
C ALA A 76 20.91 14.27 26.73
N ALA A 77 20.20 14.06 25.62
CA ALA A 77 20.24 15.03 24.53
C ALA A 77 19.25 16.18 24.77
N PRO A 78 19.62 17.39 24.37
CA PRO A 78 18.64 18.48 24.32
C PRO A 78 17.42 18.10 23.50
N VAL A 79 16.25 18.56 23.93
CA VAL A 79 14.98 18.20 23.31
C VAL A 79 14.13 19.46 23.14
N ARG A 80 13.47 19.57 21.98
CA ARG A 80 12.64 20.71 21.64
C ARG A 80 11.24 20.24 21.27
N LEU A 81 10.23 20.89 21.84
CA LEU A 81 8.84 20.68 21.45
C LEU A 81 8.33 21.89 20.68
N GLN A 82 7.60 21.64 19.59
CA GLN A 82 6.91 22.68 18.85
C GLN A 82 5.44 22.31 18.72
N VAL A 83 4.57 23.28 18.99
CA VAL A 83 3.14 23.09 18.80
C VAL A 83 2.83 23.37 17.33
N VAL A 84 2.43 22.33 16.60
CA VAL A 84 1.99 22.51 15.21
C VAL A 84 0.53 22.90 15.15
N ASP A 85 -0.28 22.23 15.96
CA ASP A 85 -1.70 22.52 16.14
C ASP A 85 -2.06 22.05 17.55
N ALA A 86 -3.29 22.32 17.99
CA ALA A 86 -3.68 21.93 19.35
C ALA A 86 -3.43 20.45 19.63
N GLY A 87 -3.63 19.58 18.63
CA GLY A 87 -3.43 18.16 18.84
C GLY A 87 -2.24 17.54 18.12
N ILE A 88 -1.29 18.36 17.68
CA ILE A 88 -0.12 17.88 16.94
C ILE A 88 1.12 18.54 17.52
N ILE A 89 2.01 17.74 18.12
CA ILE A 89 3.21 18.24 18.78
C ILE A 89 4.44 17.62 18.13
N ARG A 90 5.38 18.47 17.70
CA ARG A 90 6.66 18.01 17.15
C ARG A 90 7.67 17.82 18.28
N VAL A 91 8.39 16.70 18.25
CA VAL A 91 9.47 16.40 19.19
C VAL A 91 10.76 16.23 18.42
N SER A 92 11.78 17.02 18.77
CA SER A 92 13.10 16.87 18.17
C SER A 92 14.14 16.71 19.27
N ALA A 93 15.06 15.77 19.09
CA ALA A 93 16.12 15.53 20.07
C ALA A 93 17.45 15.42 19.35
N ASP A 94 18.41 16.24 19.76
CA ASP A 94 19.67 16.43 19.04
C ASP A 94 20.81 16.55 20.05
N PRO A 95 21.78 15.63 20.04
CA PRO A 95 22.93 15.76 20.97
C PRO A 95 23.62 17.11 20.89
N ASP A 96 23.65 17.75 19.72
CA ASP A 96 24.34 19.03 19.54
C ASP A 96 23.53 20.23 20.04
N GLY A 97 22.22 20.09 20.20
CA GLY A 97 21.40 21.17 20.70
C GLY A 97 21.02 22.24 19.70
N ASP A 98 21.33 22.05 18.42
CA ASP A 98 20.97 23.03 17.40
CA ASP A 98 20.98 23.03 17.39
C ASP A 98 19.76 22.64 16.57
N PHE A 99 19.42 21.34 16.53
CA PHE A 99 18.24 20.84 15.83
C PHE A 99 18.30 21.12 14.32
N ALA A 100 19.50 21.19 13.78
CA ALA A 100 19.66 21.35 12.34
C ALA A 100 19.40 20.00 11.67
N ARG A 101 18.54 20.01 10.66
CA ARG A 101 18.33 18.84 9.82
C ARG A 101 18.19 19.31 8.38
N SER A 102 18.38 18.36 7.47
N SER A 102 18.38 18.37 7.46
CA SER A 102 18.01 18.62 6.09
CA SER A 102 18.05 18.64 6.08
C SER A 102 16.54 18.99 6.00
C SER A 102 16.55 18.95 5.97
N PRO A 103 16.16 19.89 5.10
CA PRO A 103 14.74 20.27 5.00
C PRO A 103 13.86 19.05 4.76
N SER A 104 12.77 18.96 5.53
CA SER A 104 11.86 17.83 5.37
C SER A 104 11.31 17.78 3.95
N LEU A 105 11.25 16.57 3.39
CA LEU A 105 10.56 16.33 2.14
C LEU A 105 9.08 16.04 2.35
N MET A 106 8.72 15.31 3.40
CA MET A 106 7.32 14.91 3.57
C MET A 106 6.42 16.03 4.10
N ARG A 107 6.96 16.99 4.86
CA ARG A 107 6.12 18.02 5.47
C ARG A 107 5.60 19.03 4.45
N VAL A 108 4.37 19.50 4.69
CA VAL A 108 3.85 20.75 4.13
C VAL A 108 3.50 21.65 5.30
N PRO A 109 3.38 22.97 5.07
CA PRO A 109 2.99 23.86 6.17
C PRO A 109 1.58 23.58 6.68
N VAL A 110 1.37 23.84 7.98
CA VAL A 110 0.10 23.61 8.65
C VAL A 110 -0.44 24.93 9.16
N GLN A 111 -1.71 25.22 8.87
CA GLN A 111 -2.42 26.34 9.49
C GLN A 111 -3.05 25.83 10.78
N GLY A 112 -2.39 26.08 11.90
CA GLY A 112 -2.85 25.55 13.16
C GLY A 112 -2.85 26.59 14.26
N ASP A 113 -3.56 26.26 15.33
CA ASP A 113 -3.55 27.06 16.57
C ASP A 113 -2.33 26.64 17.39
N THR A 114 -1.34 27.54 17.48
CA THR A 114 -0.08 27.24 18.14
C THR A 114 -0.02 27.75 19.58
N ALA A 115 -1.17 28.09 20.17
CA ALA A 115 -1.19 28.62 21.53
C ALA A 115 -0.92 27.51 22.55
N PHE A 116 -0.24 27.87 23.64
CA PHE A 116 0.05 26.92 24.70
C PHE A 116 0.42 27.68 25.97
N GLN A 117 0.34 26.97 27.10
CA GLN A 117 0.80 27.46 28.39
C GLN A 117 1.93 26.58 28.90
N VAL A 118 2.85 27.18 29.65
CA VAL A 118 3.98 26.46 30.22
C VAL A 118 3.87 26.48 31.74
N ALA A 119 4.20 25.35 32.36
CA ALA A 119 4.38 25.27 33.80
C ALA A 119 5.68 24.50 34.06
N GLU A 120 6.44 24.94 35.05
CA GLU A 120 7.71 24.31 35.40
C GLU A 120 7.65 23.92 36.87
N GLN A 121 7.62 22.61 37.15
CA GLN A 121 7.46 22.11 38.50
C GLN A 121 8.44 20.95 38.73
N GLY A 122 9.49 21.23 39.51
CA GLY A 122 10.40 20.18 39.95
C GLY A 122 11.21 19.53 38.85
N ASP A 123 10.93 18.25 38.59
CA ASP A 123 11.64 17.46 37.58
C ASP A 123 11.07 17.60 36.18
N SER A 124 10.09 18.47 35.97
CA SER A 124 9.41 18.47 34.68
C SER A 124 9.05 19.89 34.24
N VAL A 125 8.95 20.05 32.93
CA VAL A 125 8.40 21.23 32.28
C VAL A 125 7.17 20.77 31.50
N GLN A 126 6.05 21.47 31.71
CA GLN A 126 4.77 21.07 31.11
C GLN A 126 4.34 22.08 30.07
N LEU A 127 3.98 21.58 28.89
CA LEU A 127 3.38 22.39 27.83
C LEU A 127 1.93 21.93 27.65
N LYS A 128 1.00 22.89 27.70
CA LYS A 128 -0.43 22.58 27.68
C LYS A 128 -1.13 23.34 26.56
N THR A 129 -1.81 22.60 25.67
CA THR A 129 -2.73 23.16 24.69
C THR A 129 -4.16 22.83 25.09
N GLY A 130 -5.10 23.17 24.22
CA GLY A 130 -6.49 22.78 24.46
C GLY A 130 -6.77 21.30 24.34
N LYS A 131 -5.85 20.54 23.75
CA LYS A 131 -6.06 19.11 23.53
C LYS A 131 -5.04 18.22 24.22
N VAL A 132 -3.84 18.72 24.54
CA VAL A 132 -2.72 17.88 24.94
C VAL A 132 -1.97 18.54 26.09
N THR A 133 -1.49 17.72 27.04
CA THR A 133 -0.45 18.14 27.96
C THR A 133 0.81 17.30 27.71
N ALA A 134 1.90 17.96 27.37
CA ALA A 134 3.19 17.32 27.11
C ALA A 134 4.15 17.66 28.24
N SER A 135 4.71 16.63 28.87
CA SER A 135 5.64 16.81 29.98
C SER A 135 7.04 16.41 29.55
N ILE A 136 8.03 17.23 29.92
CA ILE A 136 9.44 16.97 29.60
C ILE A 136 10.21 16.85 30.91
N SER A 137 10.93 15.74 31.08
CA SER A 137 11.81 15.60 32.23
C SER A 137 13.00 16.55 32.11
N THR A 138 13.26 17.32 33.17
CA THR A 138 14.48 18.12 33.19
C THR A 138 15.71 17.30 33.52
N VAL A 139 15.55 16.03 33.91
CA VAL A 139 16.70 15.17 34.18
C VAL A 139 17.23 14.56 32.89
N ASP A 140 16.39 13.83 32.16
CA ASP A 140 16.84 13.13 30.95
C ASP A 140 16.11 13.52 29.68
N GLY A 141 15.18 14.49 29.75
CA GLY A 141 14.50 15.00 28.58
C GLY A 141 13.37 14.15 28.04
N HIS A 142 13.03 13.03 28.67
CA HIS A 142 12.03 12.15 28.07
C HIS A 142 10.65 12.80 28.13
N VAL A 143 9.85 12.55 27.09
CA VAL A 143 8.60 13.25 26.86
C VAL A 143 7.43 12.30 27.09
N SER A 144 6.38 12.79 27.76
N SER A 144 6.39 12.81 27.78
CA SER A 144 5.16 12.03 27.96
CA SER A 144 5.16 12.07 28.02
C SER A 144 3.95 12.88 27.64
C SER A 144 3.97 12.91 27.56
N PHE A 145 2.98 12.28 26.97
CA PHE A 145 1.78 12.97 26.50
C PHE A 145 0.54 12.47 27.22
N ALA A 146 -0.31 13.43 27.61
CA ALA A 146 -1.61 13.17 28.20
C ALA A 146 -2.65 13.98 27.45
N ASP A 147 -3.91 13.52 27.52
CA ASP A 147 -4.98 14.13 26.76
C ASP A 147 -5.57 15.32 27.54
N ALA A 148 -6.70 15.83 27.06
CA ALA A 148 -7.31 17.03 27.63
C ALA A 148 -7.62 16.85 29.11
N ASN A 149 -8.01 15.64 29.51
CA ASN A 149 -8.39 15.35 30.88
C ASN A 149 -7.24 14.83 31.73
N GLY A 150 -6.00 14.91 31.25
CA GLY A 150 -4.87 14.41 32.01
C GLY A 150 -4.67 12.92 31.96
N LYS A 151 -5.43 12.23 31.14
CA LYS A 151 -5.26 10.79 30.99
C LYS A 151 -4.00 10.51 30.18
N PRO A 152 -3.09 9.68 30.67
CA PRO A 152 -1.88 9.37 29.89
C PRO A 152 -2.20 8.69 28.58
N VAL A 153 -1.50 9.08 27.52
CA VAL A 153 -1.70 8.56 26.18
C VAL A 153 -0.46 7.82 25.68
N LEU A 154 0.71 8.44 25.80
CA LEU A 154 1.94 7.87 25.27
C LEU A 154 3.13 8.48 25.99
N SER A 155 4.08 7.64 26.42
N SER A 155 4.09 7.65 26.41
CA SER A 155 5.29 8.12 27.07
CA SER A 155 5.29 8.12 27.08
C SER A 155 6.52 7.53 26.39
C SER A 155 6.53 7.53 26.42
N GLU A 156 7.53 8.38 26.16
CA GLU A 156 8.85 7.87 25.83
C GLU A 156 9.41 7.09 27.01
N VAL A 157 10.33 6.18 26.71
CA VAL A 157 11.12 5.53 27.74
C VAL A 157 12.15 6.52 28.27
N ALA A 158 12.26 6.61 29.60
CA ALA A 158 13.31 7.43 30.20
C ALA A 158 14.68 6.84 29.89
N GLY A 159 15.57 7.67 29.34
CA GLY A 159 16.83 7.17 28.82
C GLY A 159 16.70 6.35 27.56
N GLY A 160 15.61 6.51 26.82
CA GLY A 160 15.26 5.66 25.70
C GLY A 160 15.72 6.13 24.33
N ARG A 161 16.60 7.12 24.25
CA ARG A 161 17.17 7.56 22.97
C ARG A 161 18.53 6.93 22.75
N SER A 162 18.85 6.68 21.47
CA SER A 162 20.14 6.18 21.03
C SER A 162 20.62 6.98 19.82
N PHE A 163 21.90 7.33 19.80
CA PHE A 163 22.53 7.99 18.67
C PHE A 163 23.86 7.31 18.41
N ALA A 164 24.11 6.88 17.16
CA ALA A 164 25.39 6.27 16.81
C ALA A 164 25.93 6.84 15.50
N PRO A 165 27.24 7.02 15.37
CA PRO A 165 27.78 7.63 14.16
C PRO A 165 27.74 6.67 12.97
N LEU A 166 27.47 7.23 11.79
CA LEU A 166 27.55 6.53 10.51
C LEU A 166 28.29 7.43 9.53
N ASN A 167 29.43 6.96 9.01
CA ASN A 167 30.30 7.73 8.13
C ASN A 167 30.26 7.13 6.72
N VAL A 168 29.54 7.78 5.80
CA VAL A 168 29.33 7.21 4.47
C VAL A 168 29.19 8.34 3.45
N GLU A 169 29.68 8.07 2.23
CA GLU A 169 29.55 8.98 1.08
C GLU A 169 30.09 10.37 1.39
N GLY A 170 31.20 10.43 2.15
CA GLY A 170 31.85 11.68 2.47
C GLY A 170 31.16 12.51 3.52
N LYS A 171 30.12 11.98 4.16
CA LYS A 171 29.29 12.72 5.10
C LYS A 171 29.28 12.00 6.45
N GLN A 172 28.78 12.71 7.46
CA GLN A 172 28.58 12.15 8.80
C GLN A 172 27.11 12.19 9.13
N TYR A 173 26.56 11.05 9.54
CA TYR A 173 25.16 10.94 9.92
C TYR A 173 25.08 10.34 11.32
N LEU A 174 23.87 10.39 11.89
CA LEU A 174 23.56 9.60 13.07
C LEU A 174 22.51 8.56 12.72
N SER A 175 22.74 7.32 13.16
CA SER A 175 21.71 6.29 13.23
C SER A 175 21.00 6.50 14.56
N VAL A 176 19.68 6.66 14.53
CA VAL A 176 18.94 7.09 15.72
C VAL A 176 17.85 6.09 16.06
N ARG A 177 17.54 6.00 17.36
CA ARG A 177 16.49 5.12 17.85
C ARG A 177 15.74 5.81 18.97
N GLN A 178 14.41 5.76 18.92
CA GLN A 178 13.54 6.20 20.01
C GLN A 178 12.72 5.04 20.52
N ARG A 179 12.72 4.83 21.83
CA ARG A 179 11.87 3.85 22.49
C ARG A 179 10.72 4.52 23.22
N PHE A 180 9.52 3.94 23.10
CA PHE A 180 8.34 4.37 23.85
C PHE A 180 7.80 3.22 24.69
N GLN A 181 7.21 3.55 25.83
CA GLN A 181 6.51 2.56 26.62
C GLN A 181 5.25 2.08 25.90
N SER A 182 5.05 0.75 25.86
CA SER A 182 3.93 0.16 25.13
C SER A 182 3.30 -0.99 25.90
N PRO A 183 2.02 -0.91 26.25
CA PRO A 183 1.38 -1.98 27.01
C PRO A 183 1.01 -3.17 26.13
N ASP A 184 0.78 -4.30 26.78
CA ASP A 184 0.51 -5.54 26.08
C ASP A 184 -0.73 -5.46 25.18
N ASP A 185 -1.71 -4.64 25.56
CA ASP A 185 -2.98 -4.60 24.83
C ASP A 185 -3.06 -3.47 23.80
N GLU A 186 -1.93 -2.82 23.48
CA GLU A 186 -1.91 -1.82 22.43
C GLU A 186 -1.86 -2.51 21.07
N ALA A 187 -2.71 -2.08 20.14
CA ALA A 187 -2.62 -2.51 18.74
C ALA A 187 -2.02 -1.38 17.90
N LEU A 188 -1.25 -1.76 16.87
CA LEU A 188 -0.54 -0.82 16.01
C LEU A 188 -0.80 -1.15 14.55
N TYR A 189 -0.97 -0.12 13.73
CA TYR A 189 -1.29 -0.28 12.30
C TYR A 189 -0.53 0.76 11.47
N GLY A 190 -0.41 0.48 10.18
CA GLY A 190 0.22 1.43 9.27
C GLY A 190 1.65 1.06 8.96
N PHE A 191 2.51 2.08 8.86
CA PHE A 191 3.92 1.94 8.50
C PHE A 191 4.10 1.38 7.10
N GLY A 192 3.12 1.56 6.22
CA GLY A 192 3.27 1.24 4.81
C GLY A 192 2.35 0.11 4.37
N GLN A 193 2.84 -0.67 3.40
CA GLN A 193 2.08 -1.77 2.81
C GLN A 193 3.02 -2.95 2.65
N HIS A 194 2.74 -4.03 3.39
CA HIS A 194 3.70 -5.11 3.53
C HIS A 194 3.05 -6.45 3.17
N GLN A 195 3.84 -7.53 3.25
CA GLN A 195 3.49 -8.79 2.61
C GLN A 195 3.61 -10.00 3.56
N GLN A 196 3.41 -9.80 4.87
CA GLN A 196 3.40 -10.93 5.81
C GLN A 196 1.99 -11.37 6.19
N GLY A 197 0.96 -10.68 5.73
CA GLY A 197 -0.40 -10.99 6.15
C GLY A 197 -0.74 -10.55 7.57
N TRP A 198 0.06 -9.66 8.16
CA TRP A 198 -0.18 -9.17 9.51
C TRP A 198 -1.14 -7.97 9.48
N MET A 199 -2.28 -8.10 10.14
CA MET A 199 -3.16 -6.94 10.31
C MET A 199 -2.62 -6.02 11.39
N ASN A 200 -2.52 -6.54 12.61
CA ASN A 200 -1.93 -5.85 13.76
C ASN A 200 -0.41 -5.96 13.71
N GLN A 201 0.30 -4.84 13.91
CA GLN A 201 1.75 -4.83 13.89
C GLN A 201 2.38 -4.90 15.28
N LYS A 202 1.58 -4.95 16.34
CA LYS A 202 2.12 -5.03 17.69
C LYS A 202 3.02 -6.25 17.85
N GLY A 203 4.20 -6.04 18.41
CA GLY A 203 5.15 -7.12 18.59
C GLY A 203 5.87 -7.59 17.34
N ARG A 204 5.61 -6.97 16.19
CA ARG A 204 6.22 -7.38 14.93
C ARG A 204 7.42 -6.51 14.61
N ASN A 205 8.36 -7.10 13.85
CA ASN A 205 9.50 -6.37 13.32
C ASN A 205 9.21 -6.02 11.86
N VAL A 206 9.28 -4.74 11.52
CA VAL A 206 8.92 -4.28 10.17
C VAL A 206 9.97 -3.27 9.71
N GLU A 207 10.67 -3.60 8.62
CA GLU A 207 11.68 -2.72 8.06
C GLU A 207 11.12 -1.95 6.87
N LEU A 208 11.33 -0.64 6.87
CA LEU A 208 10.92 0.22 5.75
C LEU A 208 12.08 0.32 4.78
N GLN A 209 11.93 -0.33 3.62
CA GLN A 209 12.97 -0.38 2.59
C GLN A 209 12.24 -0.55 1.27
N GLN A 210 12.16 0.52 0.46
CA GLN A 210 11.32 0.46 -0.75
C GLN A 210 11.73 -0.70 -1.63
N ASN A 211 10.78 -1.58 -1.94
CA ASN A 211 10.99 -2.74 -2.79
C ASN A 211 9.75 -2.92 -3.66
N ASN A 212 9.89 -3.74 -4.72
CA ASN A 212 8.79 -3.98 -5.66
C ASN A 212 7.44 -4.21 -4.95
N ILE A 213 7.39 -5.16 -4.01
CA ILE A 213 6.11 -5.49 -3.36
C ILE A 213 6.03 -5.00 -1.91
N ASP A 214 6.99 -4.19 -1.44
CA ASP A 214 7.04 -3.77 -0.04
C ASP A 214 7.24 -2.26 0.04
N MET A 215 6.22 -1.55 0.54
CA MET A 215 6.13 -0.09 0.43
C MET A 215 6.31 0.56 1.80
N ALA A 216 7.12 1.61 1.86
CA ALA A 216 7.42 2.34 3.09
C ALA A 216 6.62 3.65 3.18
N VAL A 217 5.86 3.82 4.26
CA VAL A 217 5.25 5.11 4.63
C VAL A 217 5.42 5.25 6.15
N PRO A 218 6.24 6.17 6.67
CA PRO A 218 6.57 6.17 8.10
C PRO A 218 5.53 6.90 8.96
N TYR A 219 4.28 6.45 8.88
CA TYR A 219 3.21 6.90 9.75
C TYR A 219 2.56 5.70 10.40
N LEU A 220 2.41 5.72 11.72
CA LEU A 220 1.87 4.63 12.52
C LEU A 220 0.67 5.12 13.31
N VAL A 221 -0.31 4.24 13.49
N VAL A 221 -0.34 4.27 13.46
CA VAL A 221 -1.54 4.54 14.23
CA VAL A 221 -1.49 4.63 14.30
C VAL A 221 -1.74 3.51 15.34
C VAL A 221 -1.69 3.54 15.34
N SER A 222 -2.19 3.97 16.50
CA SER A 222 -2.34 3.11 17.67
C SER A 222 -3.77 3.07 18.16
N SER A 223 -4.15 1.92 18.74
CA SER A 223 -5.43 1.81 19.44
C SER A 223 -5.54 2.70 20.67
N ARG A 224 -4.43 3.27 21.15
CA ARG A 224 -4.38 4.15 22.31
C ARG A 224 -4.62 5.60 21.95
N ASN A 225 -5.24 5.86 20.80
CA ASN A 225 -5.73 7.20 20.45
C ASN A 225 -4.60 8.17 20.10
N TYR A 226 -3.65 7.71 19.28
CA TYR A 226 -2.63 8.63 18.76
C TYR A 226 -2.10 8.10 17.43
N GLY A 227 -1.46 8.99 16.68
CA GLY A 227 -0.62 8.60 15.57
C GLY A 227 0.76 9.19 15.73
N LEU A 228 1.72 8.63 14.98
CA LEU A 228 3.09 9.11 14.99
C LEU A 228 3.62 9.21 13.57
N LEU A 229 4.12 10.40 13.19
CA LEU A 229 4.84 10.57 11.94
C LEU A 229 6.33 10.64 12.26
N TRP A 230 7.09 9.73 11.68
CA TRP A 230 8.54 9.62 11.93
C TRP A 230 9.23 10.20 10.71
N ASP A 231 9.73 11.43 10.84
CA ASP A 231 10.22 12.20 9.68
C ASP A 231 11.70 11.88 9.46
N ASN A 232 11.92 10.79 8.73
CA ASN A 232 13.24 10.32 8.35
C ASN A 232 13.09 9.59 7.02
N ASN A 233 14.05 9.80 6.11
CA ASN A 233 13.92 9.29 4.74
C ASN A 233 14.80 8.07 4.47
N SER A 234 15.51 7.57 5.48
CA SER A 234 16.43 6.45 5.33
C SER A 234 15.76 5.14 5.72
N ILE A 235 16.48 4.02 5.48
CA ILE A 235 15.99 2.71 5.91
C ILE A 235 15.68 2.74 7.40
N THR A 236 14.48 2.27 7.75
CA THR A 236 13.89 2.49 9.07
C THR A 236 13.31 1.18 9.59
N ARG A 237 13.34 0.99 10.91
CA ARG A 237 12.90 -0.27 11.52
C ARG A 237 11.96 -0.05 12.70
N LEU A 238 10.79 -0.68 12.64
CA LEU A 238 9.91 -0.85 13.79
C LEU A 238 10.30 -2.16 14.47
N GLY A 239 10.48 -2.12 15.80
CA GLY A 239 10.84 -3.32 16.54
C GLY A 239 12.34 -3.44 16.73
N ASP A 240 12.89 -4.62 16.41
CA ASP A 240 14.31 -4.89 16.57
C ASP A 240 15.13 -3.92 15.73
N PRO A 241 15.95 -3.04 16.33
CA PRO A 241 16.73 -2.08 15.53
C PRO A 241 17.88 -2.73 14.78
N ARG A 242 18.15 -4.01 15.03
CA ARG A 242 19.26 -4.72 14.40
C ARG A 242 18.90 -5.36 13.06
N GLY A 243 17.64 -5.64 12.78
CA GLY A 243 17.36 -6.33 11.53
C GLY A 243 17.72 -7.81 11.58
N LEU A 244 17.67 -8.46 10.41
CA LEU A 244 17.78 -9.91 10.33
C LEU A 244 19.25 -10.34 10.26
N GLN A 245 19.59 -11.41 11.00
CA GLN A 245 20.97 -11.86 11.15
C GLN A 245 21.24 -13.12 10.32
N PRO A 246 22.49 -13.33 9.90
CA PRO A 246 22.86 -14.65 9.37
C PRO A 246 22.54 -15.73 10.39
N LEU A 247 22.22 -16.90 9.86
CA LEU A 247 21.78 -18.01 10.71
C LEU A 247 22.71 -18.31 11.89
N PRO A 248 24.04 -18.40 11.75
CA PRO A 248 24.87 -18.83 12.89
C PRO A 248 25.22 -17.73 13.87
N LYS A 249 24.75 -16.50 13.70
CA LYS A 249 25.17 -15.40 14.57
C LYS A 249 24.75 -15.63 16.02
N THR A 250 23.50 -16.05 16.23
CA THR A 250 23.00 -16.33 17.58
C THR A 250 22.31 -17.68 17.62
N LEU A 251 22.82 -18.65 16.86
CA LEU A 251 22.35 -20.04 16.91
C LEU A 251 23.55 -20.96 16.79
N THR A 252 23.50 -22.07 17.53
CA THR A 252 24.41 -23.18 17.33
C THR A 252 23.81 -24.14 16.31
N LEU A 253 24.63 -24.58 15.36
CA LEU A 253 24.18 -25.44 14.27
C LEU A 253 24.78 -26.84 14.38
N TYR A 254 24.05 -27.83 13.87
CA TYR A 254 24.55 -29.20 13.73
C TYR A 254 24.11 -29.75 12.38
N ASP A 255 25.00 -30.47 11.69
CA ASP A 255 24.67 -30.94 10.35
C ASP A 255 23.86 -32.25 10.44
N ALA A 256 23.59 -32.87 9.29
CA ALA A 256 22.75 -34.05 9.24
C ALA A 256 23.41 -35.27 9.89
N LYS A 257 24.68 -35.18 10.28
CA LYS A 257 25.34 -36.23 11.05
C LYS A 257 25.56 -35.83 12.50
N GLY A 258 25.08 -34.66 12.92
CA GLY A 258 25.26 -34.19 14.27
C GLY A 258 26.53 -33.43 14.55
N LYS A 259 27.34 -33.13 13.53
CA LYS A 259 28.60 -32.42 13.74
C LYS A 259 28.32 -30.91 13.83
N ALA A 260 28.80 -30.29 14.91
CA ALA A 260 28.51 -28.90 15.18
C ALA A 260 29.18 -27.97 14.16
N GLY A 261 28.52 -26.84 13.89
CA GLY A 261 29.11 -25.72 13.17
C GLY A 261 28.53 -25.44 11.80
N ALA A 262 27.64 -26.29 11.29
CA ALA A 262 27.09 -26.09 9.96
C ALA A 262 25.84 -26.94 9.78
N LEU A 263 25.10 -26.65 8.72
CA LEU A 263 24.07 -27.53 8.20
C LEU A 263 24.63 -28.28 6.98
N THR A 264 23.93 -29.35 6.59
CA THR A 264 24.31 -30.12 5.41
C THR A 264 23.57 -29.58 4.19
N ALA A 265 24.31 -29.13 3.18
CA ALA A 265 23.73 -28.64 1.94
C ALA A 265 23.94 -29.65 0.82
N ARG A 266 22.88 -29.95 0.06
CA ARG A 266 22.92 -30.88 -1.06
C ARG A 266 22.37 -30.20 -2.31
N TYR A 267 23.14 -30.27 -3.40
CA TYR A 267 22.80 -29.61 -4.66
C TYR A 267 22.47 -30.65 -5.72
N ALA A 268 21.43 -30.38 -6.48
CA ALA A 268 20.92 -31.33 -7.47
C ALA A 268 20.53 -30.60 -8.74
N ILE A 269 20.55 -31.33 -9.85
CA ILE A 269 20.00 -30.87 -11.13
C ILE A 269 18.99 -31.92 -11.57
N ASN A 270 17.74 -31.49 -11.77
CA ASN A 270 16.66 -32.39 -12.17
C ASN A 270 16.52 -33.58 -11.22
N GLY A 271 16.61 -33.30 -9.93
CA GLY A 271 16.47 -34.32 -8.91
C GLY A 271 17.66 -35.24 -8.76
N LYS A 272 18.72 -35.05 -9.54
CA LYS A 272 19.90 -35.90 -9.49
C LYS A 272 20.99 -35.22 -8.68
N HIS A 273 21.50 -35.90 -7.67
CA HIS A 273 22.47 -35.32 -6.74
C HIS A 273 23.79 -35.00 -7.45
N ILE A 274 24.31 -33.79 -7.23
CA ILE A 274 25.59 -33.36 -7.78
C ILE A 274 26.67 -33.30 -6.69
N LEU A 275 26.39 -32.63 -5.57
CA LEU A 275 27.38 -32.52 -4.52
C LEU A 275 26.75 -32.08 -3.20
N GLU A 276 27.48 -32.39 -2.12
CA GLU A 276 27.08 -32.14 -0.75
C GLU A 276 28.23 -31.43 -0.04
N ARG A 277 27.91 -30.45 0.79
CA ARG A 277 28.93 -29.75 1.56
C ARG A 277 28.28 -29.12 2.78
N ARG A 278 29.12 -28.88 3.80
CA ARG A 278 28.69 -28.17 4.99
C ARG A 278 28.63 -26.68 4.71
N GLU A 279 27.56 -26.02 5.20
CA GLU A 279 27.40 -24.57 5.09
C GLU A 279 26.87 -24.04 6.41
N SER A 280 27.52 -23.00 6.95
CA SER A 280 27.05 -22.38 8.19
C SER A 280 26.04 -21.27 7.96
N GLU A 281 25.81 -20.87 6.70
CA GLU A 281 24.79 -19.89 6.36
C GLU A 281 23.95 -20.43 5.20
N VAL A 282 22.67 -20.06 5.17
CA VAL A 282 21.81 -20.29 4.01
C VAL A 282 21.71 -18.93 3.34
N ASN A 283 22.53 -18.70 2.31
CA ASN A 283 22.65 -17.32 1.81
C ASN A 283 22.98 -17.30 0.31
N TYR A 284 21.92 -17.20 -0.50
CA TYR A 284 22.03 -16.74 -1.88
C TYR A 284 21.07 -15.56 -2.04
N GLN A 285 21.21 -14.55 -1.19
CA GLN A 285 20.15 -13.56 -1.10
C GLN A 285 20.15 -12.60 -2.29
N TYR A 286 21.33 -12.16 -2.73
CA TYR A 286 21.47 -11.10 -3.73
C TYR A 286 22.43 -11.55 -4.83
N LEU A 287 22.54 -10.74 -5.89
CA LEU A 287 23.40 -11.12 -7.02
C LEU A 287 24.83 -11.38 -6.58
N SER A 288 25.37 -10.54 -5.67
CA SER A 288 26.74 -10.71 -5.21
C SER A 288 26.95 -12.01 -4.46
N ASP A 289 25.88 -12.62 -3.93
CA ASP A 289 26.00 -13.88 -3.23
C ASP A 289 26.05 -15.08 -4.18
N LEU A 290 25.63 -14.93 -5.44
CA LEU A 290 25.54 -16.07 -6.32
C LEU A 290 26.90 -16.64 -6.70
N THR A 291 27.97 -15.86 -6.54
CA THR A 291 29.30 -16.35 -6.92
C THR A 291 29.73 -17.57 -6.11
N LYS A 292 29.11 -17.82 -4.96
CA LYS A 292 29.46 -18.99 -4.16
C LYS A 292 28.66 -20.25 -4.53
N TYR A 293 27.70 -20.16 -5.43
CA TYR A 293 26.93 -21.34 -5.83
C TYR A 293 27.84 -22.29 -6.59
N PRO A 294 27.86 -23.59 -6.25
CA PRO A 294 28.82 -24.50 -6.90
C PRO A 294 28.58 -24.59 -8.40
N LYS A 295 29.66 -24.35 -9.17
CA LYS A 295 29.52 -24.17 -10.61
C LYS A 295 29.03 -25.44 -11.30
N LYS A 296 29.46 -26.61 -10.81
CA LYS A 296 29.03 -27.87 -11.43
C LYS A 296 27.56 -28.18 -11.18
N ALA A 297 26.89 -27.42 -10.32
CA ALA A 297 25.48 -27.64 -10.01
C ALA A 297 24.56 -26.69 -10.74
N ILE A 298 25.09 -25.85 -11.63
CA ILE A 298 24.30 -24.85 -12.36
C ILE A 298 23.98 -25.36 -13.75
N THR A 299 22.73 -25.19 -14.18
CA THR A 299 22.32 -25.44 -15.55
C THR A 299 21.47 -24.29 -16.05
N LYS A 300 21.75 -23.86 -17.29
CA LYS A 300 20.98 -22.80 -17.93
C LYS A 300 20.13 -23.32 -19.08
N ASP A 301 19.89 -24.63 -19.13
CA ASP A 301 18.99 -25.22 -20.09
C ASP A 301 17.60 -24.57 -19.97
N LYS A 302 16.89 -24.49 -21.10
CA LYS A 302 15.55 -23.92 -21.08
C LYS A 302 14.60 -24.80 -20.28
N ASN A 303 14.68 -26.12 -20.46
CA ASN A 303 14.09 -27.04 -19.50
C ASN A 303 15.04 -27.14 -18.32
N SER A 304 14.95 -28.24 -17.57
CA SER A 304 15.82 -28.49 -16.41
C SER A 304 15.58 -27.49 -15.28
N ARG A 305 15.57 -28.00 -14.06
CA ARG A 305 15.53 -27.16 -12.88
C ARG A 305 16.64 -27.61 -11.95
N MET A 306 16.92 -26.78 -10.96
CA MET A 306 17.91 -27.07 -9.93
C MET A 306 17.21 -27.22 -8.59
N GLN A 307 17.86 -27.95 -7.68
CA GLN A 307 17.37 -28.10 -6.33
C GLN A 307 18.51 -27.96 -5.33
N VAL A 308 18.21 -27.41 -4.16
CA VAL A 308 19.09 -27.43 -3.01
C VAL A 308 18.27 -27.77 -1.78
N THR A 309 18.81 -28.62 -0.91
CA THR A 309 18.29 -28.83 0.43
C THR A 309 19.34 -28.45 1.46
N TRP A 310 18.88 -27.95 2.60
CA TRP A 310 19.70 -27.77 3.80
C TRP A 310 19.06 -28.60 4.92
N GLU A 311 19.88 -29.34 5.66
CA GLU A 311 19.36 -30.22 6.69
C GLU A 311 20.28 -30.25 7.89
N GLY A 312 19.69 -30.23 9.08
CA GLY A 312 20.46 -30.24 10.32
C GLY A 312 19.58 -29.92 11.49
N GLU A 313 20.20 -29.34 12.52
CA GLU A 313 19.48 -28.92 13.72
C GLU A 313 20.03 -27.59 14.20
N ILE A 314 19.16 -26.79 14.84
CA ILE A 314 19.55 -25.53 15.45
C ILE A 314 19.28 -25.60 16.95
N GLU A 315 20.02 -24.77 17.69
CA GLU A 315 19.85 -24.62 19.14
C GLU A 315 20.11 -23.16 19.50
N VAL A 316 19.20 -22.54 20.27
CA VAL A 316 19.34 -21.11 20.60
C VAL A 316 20.27 -20.94 21.80
N LEU A 317 20.74 -19.71 21.97
CA LEU A 317 21.62 -19.35 23.08
C LEU A 317 20.90 -18.63 24.21
N THR A 318 19.78 -17.96 23.92
CA THR A 318 18.92 -17.37 24.95
C THR A 318 17.48 -17.73 24.63
N GLY A 319 16.67 -17.90 25.67
CA GLY A 319 15.31 -18.38 25.48
C GLY A 319 14.31 -17.28 25.19
N GLY A 320 13.21 -17.67 24.54
CA GLY A 320 12.13 -16.74 24.29
C GLY A 320 11.60 -16.89 22.88
N GLU A 321 11.01 -15.81 22.38
CA GLU A 321 10.43 -15.80 21.05
C GLU A 321 11.50 -15.42 20.04
N HIS A 322 11.81 -16.34 19.14
CA HIS A 322 12.76 -16.13 18.06
C HIS A 322 12.00 -15.94 16.76
N THR A 323 12.43 -14.96 15.96
CA THR A 323 11.78 -14.73 14.68
C THR A 323 12.76 -15.06 13.56
N PHE A 324 12.19 -15.36 12.39
CA PHE A 324 12.94 -15.84 11.24
C PHE A 324 12.34 -15.29 9.96
N SER A 325 13.17 -15.26 8.91
CA SER A 325 12.69 -15.04 7.55
C SER A 325 13.32 -16.06 6.61
N LEU A 326 12.48 -16.77 5.86
CA LEU A 326 12.94 -17.48 4.66
C LEU A 326 12.65 -16.55 3.49
N TYR A 327 13.68 -15.82 3.08
CA TYR A 327 13.65 -14.99 1.88
C TYR A 327 13.82 -15.91 0.68
N SER A 328 12.88 -15.92 -0.26
CA SER A 328 12.99 -16.92 -1.33
C SER A 328 12.22 -16.53 -2.59
N SER A 329 12.75 -16.99 -3.73
CA SER A 329 12.01 -17.07 -4.98
C SER A 329 12.01 -18.51 -5.49
N GLU A 330 11.21 -18.75 -6.52
CA GLU A 330 10.77 -20.08 -7.01
C GLU A 330 10.19 -20.87 -5.83
N TYR A 331 10.25 -22.20 -5.84
CA TYR A 331 9.56 -23.02 -4.85
C TYR A 331 10.43 -23.20 -3.61
N ALA A 332 9.87 -22.92 -2.44
CA ALA A 332 10.64 -23.05 -1.20
C ALA A 332 9.75 -23.58 -0.10
N LYS A 333 10.20 -24.68 0.54
CA LYS A 333 9.56 -25.22 1.73
C LYS A 333 10.55 -25.21 2.89
N LEU A 334 10.03 -25.08 4.11
CA LEU A 334 10.84 -25.18 5.32
C LEU A 334 10.09 -25.95 6.38
N TYR A 335 10.73 -26.98 6.93
CA TYR A 335 10.19 -27.76 8.04
C TYR A 335 10.99 -27.51 9.31
N VAL A 336 10.30 -27.33 10.43
CA VAL A 336 10.94 -27.27 11.74
C VAL A 336 10.30 -28.35 12.61
N ASP A 337 11.14 -29.23 13.16
CA ASP A 337 10.66 -30.36 13.98
C ASP A 337 9.62 -31.18 13.22
N GLY A 338 9.83 -31.32 11.92
CA GLY A 338 8.95 -32.11 11.08
C GLY A 338 7.68 -31.41 10.65
N LYS A 339 7.44 -30.19 11.11
CA LYS A 339 6.22 -29.45 10.80
C LYS A 339 6.51 -28.42 9.71
N LEU A 340 5.65 -28.38 8.70
CA LEU A 340 5.82 -27.43 7.60
C LEU A 340 5.45 -26.03 8.07
N VAL A 341 6.40 -25.10 7.98
CA VAL A 341 6.15 -23.74 8.44
C VAL A 341 6.22 -22.70 7.33
N VAL A 342 6.89 -22.98 6.20
CA VAL A 342 6.87 -22.12 5.02
C VAL A 342 6.66 -23.01 3.81
N ASP A 343 5.77 -22.60 2.91
CA ASP A 343 5.49 -23.35 1.68
C ASP A 343 5.04 -22.32 0.65
N ARG A 344 5.96 -21.89 -0.20
CA ARG A 344 5.77 -20.68 -0.98
C ARG A 344 6.27 -20.85 -2.41
N TRP A 345 5.72 -20.03 -3.32
CA TRP A 345 6.31 -19.80 -4.64
C TRP A 345 6.29 -18.30 -4.95
N ARG A 346 7.39 -17.80 -5.50
CA ARG A 346 7.44 -16.51 -6.17
C ARG A 346 8.22 -16.67 -7.47
N GLN A 347 8.04 -15.73 -8.39
CA GLN A 347 8.82 -15.77 -9.62
C GLN A 347 10.30 -15.52 -9.31
N ASN A 348 11.17 -16.17 -10.10
CA ASN A 348 12.59 -16.25 -9.76
C ASN A 348 13.23 -14.88 -9.52
N TRP A 349 12.81 -13.85 -10.25
CA TRP A 349 13.44 -12.53 -10.13
C TRP A 349 12.80 -11.64 -9.07
N ASN A 350 11.80 -12.10 -8.32
CA ASN A 350 11.24 -11.31 -7.21
C ASN A 350 11.10 -12.15 -5.95
N PRO A 351 12.22 -12.51 -5.33
CA PRO A 351 12.18 -13.11 -3.99
C PRO A 351 11.69 -12.09 -2.97
N TRP A 352 11.12 -12.61 -1.88
CA TRP A 352 10.78 -11.74 -0.76
C TRP A 352 10.81 -12.55 0.54
N ASN A 353 10.69 -11.84 1.65
CA ASN A 353 10.72 -12.41 3.00
C ASN A 353 9.43 -13.16 3.32
N HIS A 354 9.58 -14.37 3.87
CA HIS A 354 8.44 -15.14 4.37
C HIS A 354 8.73 -15.48 5.84
N GLU A 355 8.13 -14.70 6.74
CA GLU A 355 8.52 -14.73 8.15
C GLU A 355 7.73 -15.78 8.93
N PHE A 356 8.37 -16.29 10.00
CA PHE A 356 7.73 -17.18 10.97
C PHE A 356 8.39 -16.95 12.32
N LYS A 357 7.82 -17.55 13.37
CA LYS A 357 8.35 -17.38 14.71
C LYS A 357 8.18 -18.66 15.52
N LEU A 358 9.09 -18.87 16.46
CA LEU A 358 9.10 -20.06 17.32
C LEU A 358 9.51 -19.68 18.72
N ASP A 359 8.92 -20.35 19.72
CA ASP A 359 9.37 -20.22 21.10
C ASP A 359 10.41 -21.32 21.36
N LEU A 360 11.61 -20.90 21.76
CA LEU A 360 12.76 -21.81 21.81
C LEU A 360 13.58 -21.55 23.08
N GLU A 361 14.17 -22.61 23.61
CA GLU A 361 14.93 -22.54 24.85
C GLU A 361 16.30 -23.18 24.68
N PRO A 362 17.32 -22.65 25.36
CA PRO A 362 18.67 -23.19 25.22
C PRO A 362 18.77 -24.65 25.66
N GLY A 363 19.73 -25.36 25.09
CA GLY A 363 19.97 -26.74 25.45
C GLY A 363 19.11 -27.75 24.74
N GLN A 364 18.22 -27.30 23.86
CA GLN A 364 17.32 -28.19 23.13
C GLN A 364 17.54 -27.97 21.64
N ARG A 365 17.71 -29.08 20.91
CA ARG A 365 17.88 -29.04 19.48
C ARG A 365 16.54 -29.18 18.76
N HIS A 366 16.45 -28.53 17.60
CA HIS A 366 15.27 -28.61 16.75
C HIS A 366 15.70 -28.86 15.33
N THR A 367 15.08 -29.83 14.66
CA THR A 367 15.44 -30.13 13.28
C THR A 367 14.95 -29.03 12.34
N VAL A 368 15.74 -28.80 11.29
CA VAL A 368 15.40 -27.87 10.21
C VAL A 368 15.65 -28.57 8.88
N LYS A 369 14.74 -28.40 7.94
CA LYS A 369 14.91 -28.90 6.58
C LYS A 369 14.39 -27.85 5.60
N VAL A 370 15.28 -27.32 4.76
CA VAL A 370 14.92 -26.40 3.69
C VAL A 370 14.92 -27.17 2.37
N GLU A 371 13.87 -27.03 1.57
CA GLU A 371 13.78 -27.64 0.25
C GLU A 371 13.51 -26.55 -0.79
N TRP A 372 14.45 -26.34 -1.69
CA TRP A 372 14.41 -25.28 -2.70
C TRP A 372 14.40 -25.91 -4.08
N ASP A 373 13.48 -25.48 -4.94
CA ASP A 373 13.40 -25.94 -6.33
C ASP A 373 13.32 -24.71 -7.23
N LEU A 374 14.35 -24.50 -8.06
CA LEU A 374 14.62 -23.17 -8.61
C LEU A 374 15.05 -23.28 -10.08
N ILE A 375 15.19 -22.10 -10.72
CA ILE A 375 15.76 -21.95 -12.05
C ILE A 375 16.80 -20.85 -11.99
N ASP A 376 17.67 -20.82 -12.98
CA ASP A 376 18.78 -19.87 -12.97
C ASP A 376 18.34 -18.51 -13.51
N PRO A 377 18.51 -17.41 -12.75
CA PRO A 377 18.96 -17.34 -11.36
C PRO A 377 17.77 -17.19 -10.40
N SER A 378 17.91 -17.73 -9.18
CA SER A 378 16.93 -17.56 -8.10
C SER A 378 17.67 -17.20 -6.81
N TYR A 379 16.92 -16.86 -5.77
CA TYR A 379 17.51 -16.32 -4.55
C TYR A 379 16.88 -16.97 -3.32
N ILE A 380 17.69 -17.10 -2.26
CA ILE A 380 17.19 -17.65 -0.99
C ILE A 380 18.10 -17.18 0.14
N ALA A 381 17.53 -17.06 1.33
CA ALA A 381 18.29 -16.84 2.54
C ALA A 381 17.42 -17.24 3.74
N LEU A 382 18.03 -17.87 4.75
CA LEU A 382 17.37 -18.13 6.02
C LEU A 382 18.05 -17.26 7.09
N LEU A 383 17.30 -16.31 7.65
CA LEU A 383 17.84 -15.32 8.57
C LEU A 383 17.03 -15.34 9.85
N HIS A 384 17.58 -14.72 10.90
CA HIS A 384 17.12 -14.96 12.27
C HIS A 384 17.27 -13.71 13.12
N ARG A 385 16.34 -13.53 14.07
CA ARG A 385 16.50 -12.57 15.16
C ARG A 385 16.32 -13.28 16.50
N ASP A 386 17.28 -13.09 17.41
CA ASP A 386 17.09 -13.55 18.77
C ASP A 386 16.34 -12.52 19.61
N PRO A 387 15.78 -12.90 20.76
CA PRO A 387 15.03 -11.94 21.56
C PRO A 387 15.89 -10.77 22.01
N LEU A 388 15.25 -9.60 22.09
CA LEU A 388 15.88 -8.43 22.67
C LEU A 388 16.01 -8.60 24.19
N PRO A 389 16.86 -7.79 24.84
CA PRO A 389 16.87 -7.78 26.31
C PRO A 389 15.49 -7.45 26.87
N ALA A 390 15.19 -8.03 28.03
CA ALA A 390 13.87 -7.86 28.63
C ALA A 390 13.50 -6.39 28.83
N ALA A 391 14.48 -5.56 29.21
CA ALA A 391 14.20 -4.13 29.43
C ALA A 391 13.73 -3.43 28.16
N GLU A 392 14.02 -3.99 26.98
CA GLU A 392 13.69 -3.39 25.70
C GLU A 392 12.59 -4.12 24.94
N ALA A 393 12.35 -5.40 25.22
CA ALA A 393 11.64 -6.25 24.28
C ALA A 393 10.19 -5.82 24.06
N LYS A 394 9.57 -5.16 25.04
CA LYS A 394 8.16 -4.81 24.94
C LYS A 394 7.93 -3.39 24.47
N ASP A 395 8.99 -2.61 24.26
CA ASP A 395 8.85 -1.23 23.87
C ASP A 395 8.40 -1.11 22.41
N LEU A 396 7.75 0.01 22.11
CA LEU A 396 7.61 0.46 20.73
C LEU A 396 8.90 1.16 20.35
N SER A 397 9.62 0.62 19.36
CA SER A 397 10.92 1.15 18.97
C SER A 397 10.92 1.54 17.50
N LEU A 398 11.44 2.74 17.23
CA LEU A 398 11.65 3.25 15.87
C LEU A 398 13.13 3.60 15.71
N TRP A 399 13.75 3.06 14.65
CA TRP A 399 15.15 3.23 14.35
C TRP A 399 15.30 3.67 12.91
N SER A 400 16.29 4.53 12.63
CA SER A 400 16.61 4.95 11.27
C SER A 400 18.11 4.96 11.05
N GLU A 401 18.51 4.50 9.85
CA GLU A 401 19.93 4.36 9.53
C GLU A 401 20.65 5.70 9.46
N ALA A 402 20.03 6.73 8.88
CA ALA A 402 20.76 7.96 8.64
C ALA A 402 19.89 9.19 8.80
N GLY A 403 20.37 10.14 9.59
CA GLY A 403 19.73 11.43 9.71
C GLY A 403 20.61 12.35 10.54
N GLN A 404 20.03 13.45 11.02
CA GLN A 404 20.75 14.37 11.89
C GLN A 404 20.24 14.37 13.32
N MET A 405 19.02 13.88 13.58
CA MET A 405 18.44 13.95 14.91
C MET A 405 17.20 13.07 14.93
N ILE A 406 16.69 12.83 16.13
CA ILE A 406 15.34 12.25 16.28
C ILE A 406 14.31 13.36 16.03
N ASP A 407 13.36 13.09 15.13
CA ASP A 407 12.36 14.10 14.75
C ASP A 407 11.06 13.39 14.43
N TYR A 408 10.03 13.61 15.25
CA TYR A 408 8.74 12.94 15.03
C TYR A 408 7.60 13.85 15.47
N TYR A 409 6.39 13.48 15.07
CA TYR A 409 5.18 14.23 15.39
C TYR A 409 4.18 13.35 16.10
N PHE A 410 3.69 13.83 17.25
CA PHE A 410 2.63 13.20 18.01
C PHE A 410 1.29 13.78 17.58
N VAL A 411 0.39 12.91 17.14
CA VAL A 411 -0.97 13.28 16.71
C VAL A 411 -1.96 12.71 17.72
N SER A 412 -2.66 13.59 18.43
N SER A 412 -2.63 13.59 18.45
CA SER A 412 -3.72 13.14 19.33
CA SER A 412 -3.72 13.14 19.32
C SER A 412 -4.98 12.83 18.54
C SER A 412 -4.93 12.77 18.46
N ALA A 413 -5.55 11.64 18.76
CA ALA A 413 -6.59 11.10 17.88
C ALA A 413 -7.72 10.45 18.66
N ASP A 414 -8.90 11.10 18.68
CA ASP A 414 -10.07 10.50 19.32
C ASP A 414 -10.65 9.34 18.53
N SER A 415 -10.21 9.12 17.30
CA SER A 415 -10.67 8.02 16.46
C SER A 415 -9.55 7.68 15.48
N TYR A 416 -9.65 6.51 14.85
CA TYR A 416 -8.72 6.19 13.77
C TYR A 416 -8.83 7.20 12.63
N ASP A 417 -10.05 7.68 12.33
CA ASP A 417 -10.23 8.71 11.31
C ASP A 417 -9.41 9.95 11.63
N GLN A 418 -9.41 10.39 12.89
CA GLN A 418 -8.67 11.59 13.24
C GLN A 418 -7.16 11.37 13.17
N ALA A 419 -6.71 10.14 13.41
CA ALA A 419 -5.28 9.86 13.25
C ALA A 419 -4.85 10.01 11.80
N VAL A 420 -5.64 9.46 10.87
CA VAL A 420 -5.35 9.66 9.45
C VAL A 420 -5.41 11.13 9.08
N ALA A 421 -6.39 11.87 9.62
CA ALA A 421 -6.48 13.29 9.29
C ALA A 421 -5.23 14.07 9.73
N GLY A 422 -4.61 13.68 10.85
CA GLY A 422 -3.39 14.35 11.25
C GLY A 422 -2.25 14.12 10.27
N TYR A 423 -2.15 12.91 9.71
CA TYR A 423 -1.17 12.65 8.67
C TYR A 423 -1.40 13.56 7.46
N ARG A 424 -2.67 13.75 7.07
CA ARG A 424 -2.95 14.62 5.92
C ARG A 424 -2.68 16.09 6.24
N ALA A 425 -2.91 16.52 7.48
CA ALA A 425 -2.50 17.87 7.86
C ALA A 425 -0.99 18.06 7.71
N LEU A 426 -0.21 17.08 8.16
CA LEU A 426 1.25 17.22 8.20
C LEU A 426 1.90 17.06 6.83
N THR A 427 1.34 16.24 5.95
CA THR A 427 1.99 15.90 4.69
C THR A 427 1.15 16.22 3.46
N GLY A 428 -0.06 16.75 3.63
CA GLY A 428 -0.81 17.20 2.47
C GLY A 428 -2.14 16.54 2.24
N LYS A 429 -3.13 17.32 1.81
CA LYS A 429 -4.40 16.71 1.45
C LYS A 429 -4.24 15.82 0.23
N SER A 430 -5.12 14.83 0.13
N SER A 430 -5.11 14.81 0.14
CA SER A 430 -5.10 13.89 -0.98
CA SER A 430 -5.07 13.88 -1.00
C SER A 430 -5.86 14.50 -2.16
C SER A 430 -5.84 14.49 -2.16
N THR A 431 -5.12 14.82 -3.22
CA THR A 431 -5.70 15.39 -4.44
C THR A 431 -6.87 14.55 -4.94
N MET A 432 -7.93 15.21 -5.43
CA MET A 432 -9.00 14.45 -6.09
C MET A 432 -8.50 13.87 -7.41
N LEU A 433 -8.83 12.61 -7.65
CA LEU A 433 -8.58 11.94 -8.92
C LEU A 433 -9.79 12.08 -9.84
N PRO A 434 -9.61 11.91 -11.16
CA PRO A 434 -10.77 11.98 -12.06
C PRO A 434 -11.80 10.92 -11.72
N LYS A 435 -13.09 11.24 -11.92
CA LYS A 435 -14.14 10.30 -11.56
C LYS A 435 -13.98 8.97 -12.32
N TRP A 436 -13.52 9.02 -13.58
CA TRP A 436 -13.35 7.80 -14.34
C TRP A 436 -12.30 6.87 -13.73
N ALA A 437 -11.43 7.39 -12.87
CA ALA A 437 -10.46 6.51 -12.23
C ALA A 437 -11.10 5.49 -11.30
N TYR A 438 -12.38 5.68 -10.93
CA TYR A 438 -13.06 4.77 -10.03
C TYR A 438 -13.90 3.73 -10.76
N GLY A 439 -13.86 3.72 -12.09
CA GLY A 439 -14.42 2.64 -12.88
C GLY A 439 -13.42 1.53 -13.13
N PHE A 440 -13.80 0.59 -13.99
CA PHE A 440 -12.98 -0.59 -14.26
C PHE A 440 -11.81 -0.26 -15.19
N TRP A 441 -10.62 -0.69 -14.80
CA TRP A 441 -9.38 -0.58 -15.57
C TRP A 441 -9.00 -1.96 -16.10
N GLN A 442 -8.76 -2.06 -17.42
CA GLN A 442 -8.19 -3.28 -18.00
C GLN A 442 -6.77 -3.03 -18.50
N SER A 443 -5.86 -3.93 -18.12
CA SER A 443 -4.45 -3.83 -18.46
C SER A 443 -3.93 -5.20 -18.88
N ARG A 444 -2.73 -5.19 -19.47
CA ARG A 444 -2.04 -6.42 -19.83
C ARG A 444 -0.55 -6.16 -19.77
N GLU A 445 0.22 -7.15 -19.37
CA GLU A 445 1.66 -7.18 -19.62
C GLU A 445 1.85 -8.20 -20.74
N ARG A 446 1.77 -7.77 -22.02
CA ARG A 446 1.57 -6.41 -22.48
C ARG A 446 0.76 -6.47 -23.79
N TYR A 447 -0.02 -5.44 -24.10
CA TYR A 447 -0.55 -5.30 -25.46
C TYR A 447 0.62 -5.03 -26.39
N LYS A 448 0.81 -5.88 -27.40
CA LYS A 448 2.00 -5.81 -28.23
C LYS A 448 1.80 -5.00 -29.51
N SER A 449 0.60 -4.50 -29.76
CA SER A 449 0.36 -3.65 -30.92
C SER A 449 -0.82 -2.76 -30.59
N GLN A 450 -0.97 -1.68 -31.35
CA GLN A 450 -2.15 -0.84 -31.09
C GLN A 450 -3.43 -1.56 -31.47
N ASP A 451 -3.39 -2.46 -32.46
CA ASP A 451 -4.58 -3.22 -32.79
C ASP A 451 -5.03 -4.11 -31.63
N GLU A 452 -4.07 -4.68 -30.88
CA GLU A 452 -4.42 -5.50 -29.71
C GLU A 452 -5.08 -4.65 -28.64
N LEU A 453 -4.53 -3.47 -28.35
CA LEU A 453 -5.09 -2.63 -27.29
C LEU A 453 -6.47 -2.13 -27.69
N VAL A 454 -6.60 -1.57 -28.89
CA VAL A 454 -7.89 -1.04 -29.32
C VAL A 454 -8.91 -2.17 -29.43
N GLY A 455 -8.45 -3.35 -29.87
CA GLY A 455 -9.35 -4.49 -29.98
C GLY A 455 -9.92 -4.93 -28.64
N ALA A 456 -9.12 -4.81 -27.57
CA ALA A 456 -9.62 -5.16 -26.24
C ALA A 456 -10.74 -4.24 -25.81
N VAL A 457 -10.59 -2.93 -26.06
CA VAL A 457 -11.65 -1.97 -25.77
C VAL A 457 -12.90 -2.29 -26.58
N ALA A 458 -12.70 -2.55 -27.88
CA ALA A 458 -13.84 -2.84 -28.76
C ALA A 458 -14.61 -4.07 -28.31
N GLU A 459 -13.92 -5.09 -27.81
CA GLU A 459 -14.60 -6.32 -27.39
C GLU A 459 -15.36 -6.13 -26.09
N TYR A 460 -14.83 -5.31 -25.15
CA TYR A 460 -15.63 -4.98 -23.97
C TYR A 460 -16.92 -4.29 -24.37
N ARG A 461 -16.85 -3.41 -25.38
CA ARG A 461 -18.05 -2.69 -25.83
C ARG A 461 -19.02 -3.62 -26.54
N LYS A 462 -18.50 -4.56 -27.34
CA LYS A 462 -19.35 -5.51 -28.04
C LYS A 462 -20.12 -6.38 -27.06
N ARG A 463 -19.48 -6.79 -25.96
CA ARG A 463 -20.13 -7.60 -24.93
C ARG A 463 -20.92 -6.77 -23.93
N LYS A 464 -20.99 -5.45 -24.11
CA LYS A 464 -21.73 -4.54 -23.23
C LYS A 464 -21.29 -4.67 -21.78
N LEU A 465 -20.02 -4.96 -21.56
CA LEU A 465 -19.44 -4.97 -20.23
C LEU A 465 -18.96 -3.57 -19.87
N SER A 466 -18.74 -3.35 -18.58
CA SER A 466 -18.37 -2.02 -18.11
C SER A 466 -16.85 -1.84 -18.20
N LEU A 467 -16.42 -0.77 -18.85
CA LEU A 467 -14.99 -0.49 -18.99
C LEU A 467 -14.78 1.01 -19.14
N ASP A 468 -13.94 1.58 -18.29
CA ASP A 468 -13.61 2.99 -18.41
C ASP A 468 -12.22 3.25 -18.94
N ASN A 469 -11.24 2.41 -18.59
CA ASN A 469 -9.83 2.74 -18.79
C ASN A 469 -9.05 1.55 -19.34
N ILE A 470 -8.15 1.83 -20.28
CA ILE A 470 -7.28 0.82 -20.89
C ILE A 470 -5.83 1.25 -20.69
N VAL A 471 -4.91 0.28 -20.56
CA VAL A 471 -3.53 0.60 -20.19
C VAL A 471 -2.53 0.01 -21.19
N LEU A 472 -1.58 0.84 -21.63
CA LEU A 472 -0.46 0.39 -22.45
C LEU A 472 0.80 0.27 -21.61
N ASP A 473 1.33 -0.95 -21.52
CA ASP A 473 2.51 -1.29 -20.73
C ASP A 473 3.78 -0.92 -21.50
N TRP A 474 4.92 -1.38 -20.99
CA TRP A 474 6.25 -1.12 -21.54
C TRP A 474 6.42 -1.69 -22.96
N SER A 475 7.53 -1.26 -23.59
CA SER A 475 8.09 -1.84 -24.82
C SER A 475 7.27 -1.49 -26.06
N TYR A 476 6.57 -0.35 -26.02
CA TYR A 476 5.99 0.25 -27.23
C TYR A 476 7.04 1.01 -28.04
N TRP A 477 8.22 1.22 -27.49
CA TRP A 477 9.30 1.98 -28.11
C TRP A 477 10.18 1.08 -28.97
N PRO A 478 10.97 1.65 -29.87
CA PRO A 478 11.97 0.83 -30.58
C PRO A 478 12.89 0.18 -29.56
N GLU A 479 13.25 -1.08 -29.81
CA GLU A 479 13.88 -1.89 -28.78
C GLU A 479 15.10 -1.22 -28.15
N ASN A 480 15.96 -0.61 -28.97
CA ASN A 480 17.19 -0.03 -28.44
C ASN A 480 17.01 1.41 -27.95
N ALA A 481 15.78 1.85 -27.68
CA ALA A 481 15.54 3.27 -27.43
C ALA A 481 14.64 3.49 -26.21
N TRP A 482 14.86 2.72 -25.15
CA TRP A 482 14.16 2.97 -23.89
C TRP A 482 14.54 4.33 -23.34
N GLY A 483 13.54 5.18 -23.11
CA GLY A 483 13.72 6.55 -22.66
C GLY A 483 13.49 7.59 -23.73
N SER A 484 13.42 7.17 -25.00
CA SER A 484 13.10 8.10 -26.07
C SER A 484 11.63 8.51 -26.07
N HIS A 485 10.76 7.65 -25.52
CA HIS A 485 9.30 7.80 -25.56
C HIS A 485 8.76 7.78 -27.01
N ASP A 486 9.52 7.22 -27.95
CA ASP A 486 9.07 7.02 -29.31
C ASP A 486 8.27 5.71 -29.42
N PHE A 487 7.61 5.52 -30.57
CA PHE A 487 6.81 4.34 -30.86
C PHE A 487 7.43 3.52 -31.99
N ASP A 488 7.55 2.21 -31.80
CA ASP A 488 7.99 1.31 -32.87
C ASP A 488 6.91 1.26 -33.93
N PRO A 489 7.18 1.67 -35.18
CA PRO A 489 6.09 1.75 -36.16
C PRO A 489 5.57 0.40 -36.64
N GLN A 490 6.35 -0.67 -36.50
CA GLN A 490 5.84 -2.00 -36.84
C GLN A 490 4.59 -2.30 -36.02
N HIS A 491 4.65 -2.06 -34.72
CA HIS A 491 3.59 -2.46 -33.81
C HIS A 491 2.66 -1.32 -33.42
N PHE A 492 3.13 -0.08 -33.50
CA PHE A 492 2.35 1.11 -33.15
C PHE A 492 2.54 2.15 -34.25
N PRO A 493 2.01 1.89 -35.45
CA PRO A 493 2.25 2.81 -36.58
C PRO A 493 1.57 4.17 -36.45
N ASP A 494 0.50 4.28 -35.66
CA ASP A 494 -0.28 5.51 -35.58
C ASP A 494 -0.75 5.70 -34.15
N PRO A 495 0.16 6.06 -33.25
CA PRO A 495 -0.23 6.22 -31.83
C PRO A 495 -1.27 7.32 -31.62
N ASP A 496 -1.23 8.41 -32.40
CA ASP A 496 -2.28 9.41 -32.29
C ASP A 496 -3.64 8.82 -32.62
N GLY A 497 -3.72 7.98 -33.66
CA GLY A 497 -4.95 7.32 -34.00
C GLY A 497 -5.38 6.29 -32.97
N MET A 498 -4.43 5.62 -32.32
CA MET A 498 -4.75 4.70 -31.23
C MET A 498 -5.49 5.44 -30.12
N VAL A 499 -4.94 6.58 -29.70
CA VAL A 499 -5.57 7.35 -28.63
C VAL A 499 -6.96 7.83 -29.05
N LYS A 500 -7.09 8.34 -30.27
CA LYS A 500 -8.39 8.84 -30.72
C LYS A 500 -9.42 7.71 -30.78
N ALA A 501 -9.00 6.51 -31.20
CA ALA A 501 -9.94 5.40 -31.28
C ALA A 501 -10.43 4.99 -29.89
N VAL A 502 -9.55 5.04 -28.89
CA VAL A 502 -9.96 4.73 -27.52
C VAL A 502 -10.95 5.79 -27.01
N HIS A 503 -10.61 7.07 -27.22
CA HIS A 503 -11.48 8.16 -26.79
C HIS A 503 -12.83 8.11 -27.49
N ASP A 504 -12.86 7.70 -28.77
CA ASP A 504 -14.12 7.61 -29.48
C ASP A 504 -15.02 6.49 -28.94
N MET A 505 -14.45 5.52 -28.22
CA MET A 505 -15.21 4.50 -27.53
C MET A 505 -15.44 4.84 -26.06
N HIS A 506 -15.28 6.12 -25.68
CA HIS A 506 -15.62 6.61 -24.33
C HIS A 506 -14.75 5.94 -23.26
N ALA A 507 -13.46 5.80 -23.55
CA ALA A 507 -12.50 5.25 -22.61
C ALA A 507 -11.29 6.16 -22.53
N GLN A 508 -10.57 6.05 -21.43
CA GLN A 508 -9.32 6.77 -21.21
C GLN A 508 -8.17 5.79 -21.38
N ILE A 509 -6.98 6.32 -21.68
CA ILE A 509 -5.80 5.50 -21.91
C ILE A 509 -4.63 6.01 -21.07
N MET A 510 -4.00 5.10 -20.30
CA MET A 510 -2.80 5.37 -19.52
C MET A 510 -1.61 4.65 -20.17
N ILE A 511 -0.42 5.25 -20.05
CA ILE A 511 0.79 4.71 -20.65
C ILE A 511 1.92 4.63 -19.63
N SER A 512 2.71 3.55 -19.71
CA SER A 512 3.89 3.34 -18.88
C SER A 512 4.99 4.34 -19.20
N ILE A 513 5.52 5.00 -18.17
CA ILE A 513 6.74 5.81 -18.24
C ILE A 513 7.64 5.44 -17.07
N TRP A 514 8.84 4.96 -17.36
CA TRP A 514 9.82 4.59 -16.35
C TRP A 514 10.76 5.75 -16.07
N PRO A 515 11.57 5.66 -14.98
CA PRO A 515 12.67 6.61 -14.78
C PRO A 515 13.96 6.18 -15.46
N LYS A 516 13.83 5.21 -16.37
CA LYS A 516 14.95 4.47 -16.96
C LYS A 516 15.27 4.98 -18.38
N PHE A 517 16.57 5.07 -18.69
CA PHE A 517 17.04 5.61 -19.98
C PHE A 517 18.24 4.80 -20.48
N TYR A 518 18.25 4.54 -21.82
CA TYR A 518 19.44 3.95 -22.43
C TYR A 518 20.43 5.06 -22.82
N PRO A 519 21.74 4.87 -22.64
CA PRO A 519 22.72 5.96 -22.88
C PRO A 519 22.85 6.40 -24.32
N THR A 520 22.29 5.65 -25.27
CA THR A 520 22.29 6.07 -26.67
C THR A 520 21.19 7.07 -27.01
N THR A 521 20.22 7.31 -26.12
CA THR A 521 19.10 8.17 -26.45
C THR A 521 19.42 9.65 -26.21
N ALA A 522 18.81 10.52 -27.02
CA ALA A 522 18.99 11.95 -26.81
C ALA A 522 18.52 12.37 -25.43
N ASN A 523 17.45 11.74 -24.92
CA ASN A 523 16.90 12.13 -23.63
C ASN A 523 17.84 11.78 -22.49
N TYR A 524 18.49 10.60 -22.57
CA TYR A 524 19.55 10.31 -21.61
C TYR A 524 20.64 11.37 -21.66
N LYS A 525 21.11 11.71 -22.86
CA LYS A 525 22.23 12.63 -22.98
C LYS A 525 21.88 14.02 -22.46
N GLU A 526 20.62 14.44 -22.62
CA GLU A 526 20.22 15.73 -22.08
C GLU A 526 20.25 15.71 -20.55
N LEU A 527 19.69 14.67 -19.94
CA LEU A 527 19.70 14.60 -18.49
C LEU A 527 21.11 14.45 -17.95
N ASP A 528 21.94 13.65 -18.63
CA ASP A 528 23.33 13.43 -18.19
C ASP A 528 24.15 14.71 -18.28
N ALA A 529 24.01 15.45 -19.38
CA ALA A 529 24.77 16.70 -19.53
C ALA A 529 24.42 17.71 -18.44
N ALA A 530 23.19 17.66 -17.92
CA ALA A 530 22.78 18.55 -16.84
C ALA A 530 23.15 18.01 -15.46
N GLY A 531 23.71 16.80 -15.37
CA GLY A 531 24.11 16.24 -14.09
C GLY A 531 23.04 15.44 -13.38
N PHE A 532 22.02 14.98 -14.10
CA PHE A 532 20.87 14.35 -13.46
C PHE A 532 20.67 12.89 -13.88
N MET A 533 21.72 12.21 -14.33
CA MET A 533 21.69 10.77 -14.58
C MET A 533 22.64 10.09 -13.61
N PHE A 534 22.16 9.12 -12.85
CA PHE A 534 23.07 8.31 -12.06
C PHE A 534 24.00 7.55 -13.00
N LYS A 535 25.30 7.55 -12.66
CA LYS A 535 26.31 7.07 -13.60
C LYS A 535 26.75 5.64 -13.39
N ARG A 536 26.63 5.08 -12.19
CA ARG A 536 27.35 3.85 -11.88
C ARG A 536 26.85 2.66 -12.70
N ASN A 537 25.53 2.56 -12.93
CA ASN A 537 25.03 1.37 -13.62
C ASN A 537 25.58 1.26 -15.05
N VAL A 538 25.81 2.39 -15.71
CA VAL A 538 26.37 2.36 -17.06
C VAL A 538 27.88 2.17 -17.00
N GLU A 539 28.54 2.74 -15.99
CA GLU A 539 29.98 2.57 -15.84
C GLU A 539 30.37 1.09 -15.65
N VAL A 540 29.59 0.35 -14.86
CA VAL A 540 29.89 -1.07 -14.69
C VAL A 540 29.39 -1.91 -15.85
N GLY A 541 28.61 -1.34 -16.77
CA GLY A 541 28.15 -2.08 -17.93
C GLY A 541 27.05 -3.08 -17.68
N GLU A 542 26.21 -2.84 -16.67
CA GLU A 542 25.15 -3.78 -16.35
C GLU A 542 24.12 -3.83 -17.49
N LEU A 543 23.77 -5.03 -17.93
CA LEU A 543 22.83 -5.19 -19.03
C LEU A 543 21.45 -5.57 -18.51
N ASP A 544 20.42 -4.96 -19.09
CA ASP A 544 19.05 -5.33 -18.73
C ASP A 544 18.68 -6.61 -19.48
N TRP A 545 17.41 -7.01 -19.38
CA TRP A 545 16.89 -8.30 -19.81
C TRP A 545 16.32 -8.28 -21.22
N ILE A 546 16.38 -7.14 -21.92
CA ILE A 546 15.72 -6.97 -23.20
C ILE A 546 16.63 -7.44 -24.32
N GLY A 547 16.12 -8.32 -25.18
CA GLY A 547 16.93 -8.80 -26.30
C GLY A 547 18.27 -9.33 -25.85
N LYS A 548 19.35 -8.86 -26.50
CA LYS A 548 20.68 -9.26 -26.11
C LYS A 548 21.18 -8.57 -24.86
N GLY A 549 20.42 -7.62 -24.30
CA GLY A 549 20.85 -6.91 -23.12
C GLY A 549 21.37 -5.51 -23.42
N TYR A 550 20.85 -4.50 -22.73
CA TYR A 550 21.21 -3.11 -22.99
C TYR A 550 21.71 -2.41 -21.74
N LYS A 551 22.75 -1.58 -21.90
CA LYS A 551 23.19 -0.67 -20.84
C LYS A 551 22.09 0.36 -20.56
N ASN A 552 22.02 0.81 -19.31
CA ASN A 552 20.89 1.64 -18.90
C ASN A 552 21.20 2.27 -17.54
N SER A 553 20.53 3.39 -17.25
CA SER A 553 20.56 3.93 -15.90
C SER A 553 19.23 4.63 -15.63
N PHE A 554 19.09 5.16 -14.42
CA PHE A 554 17.91 5.90 -13.98
C PHE A 554 18.30 7.33 -13.62
N TYR A 555 17.36 8.26 -13.82
CA TYR A 555 17.65 9.67 -13.58
C TYR A 555 17.44 10.03 -12.10
N ASP A 556 17.94 11.22 -11.74
CA ASP A 556 17.86 11.76 -10.38
C ASP A 556 16.72 12.76 -10.32
N PRO A 557 15.62 12.46 -9.62
CA PRO A 557 14.44 13.33 -9.63
C PRO A 557 14.44 14.45 -8.58
N TYR A 558 15.46 14.58 -7.74
CA TYR A 558 15.29 15.41 -6.54
C TYR A 558 15.28 16.90 -6.85
N SER A 559 16.01 17.34 -7.87
N SER A 559 16.02 17.34 -7.86
CA SER A 559 16.06 18.75 -8.24
CA SER A 559 16.05 18.76 -8.22
C SER A 559 14.88 19.13 -9.12
C SER A 559 14.88 19.13 -9.11
N GLU A 560 14.41 20.37 -8.96
CA GLU A 560 13.31 20.83 -9.80
C GLU A 560 13.74 20.99 -11.25
N LYS A 561 15.02 21.24 -11.52
CA LYS A 561 15.48 21.30 -12.90
C LYS A 561 15.39 19.93 -13.57
N ALA A 562 15.74 18.86 -12.84
CA ALA A 562 15.59 17.52 -13.39
C ALA A 562 14.13 17.19 -13.66
N GLN A 563 13.24 17.52 -12.72
CA GLN A 563 11.82 17.30 -12.94
C GLN A 563 11.32 18.04 -14.18
N ALA A 564 11.82 19.26 -14.42
CA ALA A 564 11.37 20.01 -15.59
C ALA A 564 11.81 19.33 -16.89
N ILE A 565 13.06 18.86 -16.95
CA ILE A 565 13.55 18.18 -18.15
C ILE A 565 12.77 16.88 -18.37
N TYR A 566 12.63 16.07 -17.31
CA TYR A 566 11.92 14.81 -17.43
C TYR A 566 10.51 15.01 -17.97
N TRP A 567 9.77 15.99 -17.40
CA TRP A 567 8.41 16.23 -17.87
C TRP A 567 8.40 16.82 -19.28
N ARG A 568 9.32 17.72 -19.60
CA ARG A 568 9.32 18.31 -20.93
C ARG A 568 9.44 17.24 -22.01
N GLN A 569 10.34 16.28 -21.82
CA GLN A 569 10.48 15.19 -22.79
C GLN A 569 9.18 14.41 -22.94
N ILE A 570 8.47 14.18 -21.83
CA ILE A 570 7.23 13.40 -21.86
C ILE A 570 6.11 14.23 -22.47
N ASN A 571 6.08 15.53 -22.19
CA ASN A 571 5.04 16.39 -22.72
C ASN A 571 5.12 16.45 -24.24
N GLU A 572 6.34 16.60 -24.77
CA GLU A 572 6.52 16.70 -26.21
C GLU A 572 6.16 15.41 -26.93
N LYS A 573 6.55 14.25 -26.37
N LYS A 573 6.56 14.25 -26.37
CA LYS A 573 6.43 12.98 -27.05
CA LYS A 573 6.42 12.98 -27.07
C LYS A 573 5.12 12.26 -26.79
C LYS A 573 5.10 12.28 -26.80
N LEU A 574 4.55 12.42 -25.60
CA LEU A 574 3.40 11.60 -25.19
C LEU A 574 2.17 12.43 -24.83
N ASN A 575 2.32 13.45 -23.98
CA ASN A 575 1.14 14.23 -23.60
C ASN A 575 0.52 14.94 -24.80
N SER A 576 1.37 15.31 -25.77
CA SER A 576 0.90 15.93 -27.01
C SER A 576 -0.03 15.02 -27.79
N LYS A 577 0.00 13.71 -27.54
CA LYS A 577 -0.82 12.77 -28.28
C LYS A 577 -2.15 12.46 -27.59
N GLY A 578 -2.38 12.99 -26.38
CA GLY A 578 -3.66 12.89 -25.73
C GLY A 578 -3.81 11.83 -24.67
N PHE A 579 -2.73 11.17 -24.27
CA PHE A 579 -2.79 10.21 -23.17
C PHE A 579 -3.36 10.89 -21.92
N ASP A 580 -4.15 10.12 -21.16
CA ASP A 580 -4.94 10.64 -20.05
C ASP A 580 -4.29 10.48 -18.69
N ALA A 581 -3.30 9.59 -18.56
CA ALA A 581 -2.81 9.18 -17.25
C ALA A 581 -1.42 8.57 -17.43
N TRP A 582 -0.65 8.57 -16.34
CA TRP A 582 0.76 8.21 -16.37
C TRP A 582 1.03 7.07 -15.40
N TRP A 583 1.57 5.97 -15.92
CA TRP A 583 1.87 4.77 -15.13
C TRP A 583 3.36 4.81 -14.81
N MET A 584 3.68 5.35 -13.62
CA MET A 584 5.05 5.64 -13.22
C MET A 584 5.61 4.44 -12.46
N ASP A 585 6.09 3.47 -13.23
CA ASP A 585 6.57 2.17 -12.79
C ASP A 585 8.00 2.26 -12.25
N ALA A 586 8.37 1.25 -11.46
CA ALA A 586 9.76 0.96 -11.09
C ALA A 586 10.44 2.11 -10.36
N ASP A 587 9.69 2.88 -9.55
CA ASP A 587 10.27 4.06 -8.91
C ASP A 587 10.67 3.83 -7.45
N GLU A 588 11.12 2.61 -7.14
CA GLU A 588 11.83 2.38 -5.88
C GLU A 588 13.12 3.18 -5.69
N PRO A 589 13.99 3.40 -6.72
CA PRO A 589 13.97 2.90 -8.10
C PRO A 589 14.55 1.51 -8.23
N ASP A 590 14.10 0.78 -9.25
CA ASP A 590 14.50 -0.60 -9.51
C ASP A 590 15.55 -0.60 -10.63
N VAL A 591 16.79 -0.27 -10.27
CA VAL A 591 17.84 -0.05 -11.29
C VAL A 591 18.28 -1.38 -11.90
N HIS A 592 18.44 -2.40 -11.07
CA HIS A 592 18.76 -3.74 -11.54
C HIS A 592 18.31 -4.70 -10.44
N SER A 593 17.36 -5.57 -10.76
CA SER A 593 16.71 -6.35 -9.70
C SER A 593 17.69 -7.30 -9.02
N ASN A 594 17.56 -7.39 -7.70
CA ASN A 594 18.27 -8.31 -6.81
C ASN A 594 19.72 -7.92 -6.54
N LEU A 595 20.11 -6.68 -6.86
CA LEU A 595 21.34 -6.14 -6.30
C LEU A 595 21.28 -6.10 -4.77
N ASP A 596 22.43 -6.32 -4.13
CA ASP A 596 22.52 -6.06 -2.70
C ASP A 596 22.34 -4.56 -2.43
N ILE A 597 22.09 -4.22 -1.16
CA ILE A 597 21.64 -2.87 -0.82
C ILE A 597 22.77 -1.85 -1.02
N ALA A 598 24.01 -2.26 -0.74
CA ALA A 598 25.14 -1.35 -0.99
C ALA A 598 25.21 -0.94 -2.46
N GLU A 599 24.93 -1.89 -3.37
CA GLU A 599 24.95 -1.53 -4.79
C GLU A 599 23.74 -0.72 -5.21
N ARG A 600 22.54 -1.01 -4.67
CA ARG A 600 21.40 -0.14 -4.95
C ARG A 600 21.70 1.29 -4.54
N LYS A 601 22.35 1.45 -3.38
CA LYS A 601 22.72 2.78 -2.91
C LYS A 601 23.74 3.43 -3.83
N ALA A 602 24.77 2.68 -4.23
CA ALA A 602 25.85 3.28 -5.02
C ALA A 602 25.38 3.69 -6.41
N ARG A 603 24.39 3.00 -6.95
CA ARG A 603 23.88 3.30 -8.29
C ARG A 603 22.78 4.35 -8.27
N THR A 604 22.50 4.94 -7.10
CA THR A 604 21.52 6.02 -6.99
C THR A 604 22.07 7.19 -6.18
N THR A 605 23.39 7.45 -6.28
CA THR A 605 24.03 8.45 -5.45
C THR A 605 25.24 9.01 -6.18
N PRO A 606 25.59 10.28 -5.97
CA PRO A 606 24.85 11.27 -5.18
C PRO A 606 23.60 11.80 -5.90
N ASN A 607 22.61 12.28 -5.15
CA ASN A 607 21.51 12.99 -5.74
C ASN A 607 21.69 14.49 -5.45
N ALA A 608 20.76 15.31 -5.96
CA ALA A 608 20.91 16.76 -5.86
C ALA A 608 20.91 17.26 -4.41
N LEU A 609 20.34 16.49 -3.48
CA LEU A 609 20.30 16.90 -2.08
C LEU A 609 21.36 16.25 -1.20
N GLY A 610 21.89 15.10 -1.58
CA GLY A 610 22.76 14.35 -0.69
C GLY A 610 22.88 12.90 -1.15
N SER A 611 23.02 11.99 -0.18
CA SER A 611 23.29 10.60 -0.52
C SER A 611 22.01 9.76 -0.53
N SER A 612 22.08 8.63 -1.25
CA SER A 612 20.96 7.68 -1.22
C SER A 612 20.85 6.96 0.11
N THR A 613 21.87 7.04 0.97
CA THR A 613 21.71 6.51 2.31
C THR A 613 20.77 7.40 3.14
N GLU A 614 20.93 8.72 3.06
CA GLU A 614 20.00 9.60 3.75
C GLU A 614 18.61 9.53 3.14
N TYR A 615 18.50 9.30 1.82
CA TYR A 615 17.24 9.44 1.10
C TYR A 615 16.76 8.13 0.46
N PHE A 616 17.01 6.98 1.11
CA PHE A 616 16.77 5.71 0.44
C PHE A 616 15.30 5.50 0.06
N ASN A 617 14.35 5.96 0.90
CA ASN A 617 12.96 5.62 0.71
C ASN A 617 12.15 6.71 0.02
N SER A 618 12.76 7.84 -0.34
CA SER A 618 11.97 9.00 -0.75
C SER A 618 11.88 9.22 -2.26
N TYR A 619 12.46 8.34 -3.09
CA TYR A 619 12.49 8.57 -4.55
C TYR A 619 11.13 8.87 -5.18
N PRO A 620 10.04 8.14 -4.89
CA PRO A 620 8.79 8.42 -5.63
C PRO A 620 8.20 9.81 -5.37
N LEU A 621 8.58 10.47 -4.27
CA LEU A 621 7.93 11.75 -3.95
C LEU A 621 8.30 12.84 -4.95
N PRO A 622 9.58 13.20 -5.14
CA PRO A 622 9.90 14.20 -6.17
C PRO A 622 9.62 13.71 -7.58
N HIS A 623 9.80 12.41 -7.81
CA HIS A 623 9.57 11.85 -9.14
C HIS A 623 8.12 12.05 -9.59
N THR A 624 7.15 11.66 -8.76
CA THR A 624 5.76 11.87 -9.12
C THR A 624 5.39 13.35 -9.08
N HIS A 625 6.02 14.13 -8.20
CA HIS A 625 5.72 15.56 -8.12
C HIS A 625 5.98 16.25 -9.45
N GLY A 626 7.09 15.91 -10.13
CA GLY A 626 7.40 16.59 -11.37
C GLY A 626 6.36 16.36 -12.45
N VAL A 627 5.86 15.14 -12.56
CA VAL A 627 4.83 14.85 -13.56
C VAL A 627 3.50 15.48 -13.16
N TYR A 628 3.15 15.43 -11.87
CA TYR A 628 1.93 16.09 -11.42
C TYR A 628 1.93 17.57 -11.81
N VAL A 629 3.00 18.30 -11.49
CA VAL A 629 2.99 19.73 -11.76
C VAL A 629 2.98 20.01 -13.26
N GLY A 630 3.71 19.23 -14.05
CA GLY A 630 3.72 19.49 -15.48
C GLY A 630 2.39 19.17 -16.15
N ASP A 631 1.79 18.04 -15.78
CA ASP A 631 0.52 17.66 -16.38
C ASP A 631 -0.58 18.64 -15.99
N ARG A 632 -0.58 19.08 -14.73
CA ARG A 632 -1.58 20.06 -14.31
C ARG A 632 -1.40 21.41 -15.02
N ALA A 633 -0.15 21.79 -15.31
CA ALA A 633 0.08 23.06 -15.99
C ALA A 633 -0.27 23.01 -17.47
N ALA A 634 -0.37 21.80 -18.05
CA ALA A 634 -0.51 21.70 -19.50
C ALA A 634 -1.96 21.84 -19.95
N ASP A 635 -2.92 21.48 -19.11
CA ASP A 635 -4.33 21.72 -19.37
C ASP A 635 -5.08 21.64 -18.03
N ASP A 636 -6.39 21.88 -18.08
CA ASP A 636 -7.19 22.08 -16.88
C ASP A 636 -7.78 20.79 -16.32
N LYS A 637 -7.46 19.64 -16.89
CA LYS A 637 -8.02 18.39 -16.39
C LYS A 637 -7.25 17.89 -15.17
N ARG A 638 -7.97 17.14 -14.33
CA ARG A 638 -7.33 16.45 -13.21
C ARG A 638 -6.28 15.47 -13.68
N VAL A 639 -5.17 15.42 -12.95
CA VAL A 639 -4.07 14.48 -13.17
C VAL A 639 -4.44 13.11 -12.58
N PHE A 640 -3.95 12.05 -13.22
CA PHE A 640 -3.92 10.71 -12.60
C PHE A 640 -2.55 10.05 -12.83
N ILE A 641 -1.93 9.62 -11.74
CA ILE A 641 -0.68 8.87 -11.76
C ILE A 641 -0.91 7.57 -11.01
N LEU A 642 -0.44 6.46 -11.58
CA LEU A 642 -0.31 5.20 -10.85
C LEU A 642 1.17 4.94 -10.64
N SER A 643 1.62 4.95 -9.39
CA SER A 643 3.04 4.80 -9.05
C SER A 643 3.27 3.47 -8.34
N ARG A 644 4.40 2.80 -8.64
CA ARG A 644 4.63 1.51 -7.98
C ARG A 644 4.93 1.68 -6.51
N LYS A 645 5.47 2.84 -6.10
CA LYS A 645 5.69 3.16 -4.70
C LYS A 645 5.03 4.48 -4.32
N GLY A 646 4.37 4.47 -3.17
CA GLY A 646 4.04 5.70 -2.48
C GLY A 646 5.06 5.99 -1.40
N TYR A 647 4.85 7.09 -0.70
CA TYR A 647 5.68 7.51 0.41
C TYR A 647 4.88 8.55 1.19
N ALA A 648 5.41 8.97 2.34
CA ALA A 648 4.75 10.06 3.07
C ALA A 648 4.67 11.28 2.17
N GLY A 649 3.43 11.75 1.93
CA GLY A 649 3.19 12.91 1.11
C GLY A 649 2.77 12.64 -0.33
N THR A 650 2.89 11.42 -0.86
CA THR A 650 2.64 11.27 -2.29
C THR A 650 1.18 11.51 -2.67
N GLN A 651 0.26 11.46 -1.69
CA GLN A 651 -1.15 11.71 -1.99
C GLN A 651 -1.40 13.13 -2.47
N ARG A 652 -0.48 14.07 -2.22
CA ARG A 652 -0.68 15.45 -2.64
C ARG A 652 -0.30 15.69 -4.10
N ASN A 653 0.20 14.65 -4.81
CA ASN A 653 0.60 14.73 -6.21
C ASN A 653 -0.31 13.91 -7.12
N ALA A 654 -1.56 13.66 -6.69
CA ALA A 654 -2.55 12.90 -7.48
C ALA A 654 -2.04 11.49 -7.82
N VAL A 655 -1.44 10.83 -6.83
CA VAL A 655 -0.79 9.54 -7.00
C VAL A 655 -1.63 8.43 -6.38
N ALA A 656 -2.12 7.51 -7.21
CA ALA A 656 -2.55 6.20 -6.73
C ALA A 656 -1.35 5.25 -6.77
N VAL A 657 -1.44 4.17 -5.99
CA VAL A 657 -0.34 3.20 -5.88
C VAL A 657 -0.90 1.78 -5.99
N TRP A 658 -0.02 0.81 -6.26
CA TRP A 658 -0.44 -0.59 -6.24
C TRP A 658 0.64 -1.45 -5.60
N SER A 659 0.27 -2.70 -5.27
CA SER A 659 1.14 -3.52 -4.44
C SER A 659 2.24 -4.25 -5.22
N GLY A 660 2.37 -4.01 -6.52
CA GLY A 660 3.54 -4.48 -7.25
C GLY A 660 3.40 -5.88 -7.79
N ASP A 661 4.56 -6.50 -8.13
CA ASP A 661 4.61 -7.77 -8.88
C ASP A 661 4.46 -8.99 -7.95
N ILE A 662 3.31 -9.05 -7.28
CA ILE A 662 2.90 -10.21 -6.49
C ILE A 662 2.56 -11.35 -7.45
N VAL A 663 2.24 -12.53 -6.92
CA VAL A 663 2.09 -13.71 -7.78
C VAL A 663 0.68 -14.26 -7.69
N SER A 664 0.35 -15.09 -8.70
CA SER A 664 -0.94 -15.77 -8.81
C SER A 664 -0.97 -16.96 -7.84
N ARG A 665 -1.06 -16.64 -6.55
CA ARG A 665 -1.09 -17.61 -5.46
C ARG A 665 -2.13 -17.14 -4.44
N TRP A 666 -2.83 -18.11 -3.84
CA TRP A 666 -3.85 -17.79 -2.86
C TRP A 666 -3.28 -17.07 -1.65
N ASP A 667 -2.03 -17.39 -1.26
CA ASP A 667 -1.38 -16.68 -0.17
C ASP A 667 -1.27 -15.19 -0.46
N ASP A 668 -0.78 -14.84 -1.66
CA ASP A 668 -0.63 -13.43 -2.01
C ASP A 668 -1.97 -12.72 -2.01
N MET A 669 -3.01 -13.36 -2.56
CA MET A 669 -4.34 -12.74 -2.52
C MET A 669 -4.74 -12.42 -1.09
N ARG A 670 -4.62 -13.40 -0.19
CA ARG A 670 -4.98 -13.18 1.21
CA ARG A 670 -5.01 -13.15 1.19
C ARG A 670 -4.17 -12.04 1.81
N ASP A 671 -2.86 -12.03 1.54
CA ASP A 671 -1.98 -11.00 2.10
C ASP A 671 -2.41 -9.58 1.73
N GLN A 672 -3.04 -9.38 0.56
CA GLN A 672 -3.36 -8.01 0.17
C GLN A 672 -4.47 -7.40 1.01
N ILE A 673 -5.25 -8.21 1.74
CA ILE A 673 -6.31 -7.66 2.57
C ILE A 673 -5.72 -6.81 3.69
N SER A 674 -4.78 -7.38 4.45
CA SER A 674 -4.14 -6.59 5.50
C SER A 674 -3.19 -5.55 4.93
N GLY A 675 -2.59 -5.82 3.76
CA GLY A 675 -1.79 -4.79 3.11
C GLY A 675 -2.61 -3.54 2.78
N GLY A 676 -3.84 -3.73 2.31
CA GLY A 676 -4.66 -2.59 1.93
C GLY A 676 -5.17 -1.82 3.12
N VAL A 677 -5.52 -2.53 4.21
CA VAL A 677 -5.97 -1.86 5.42
C VAL A 677 -4.84 -1.03 6.02
N ASN A 678 -3.64 -1.61 6.13
CA ASN A 678 -2.51 -0.87 6.67
C ASN A 678 -2.09 0.28 5.76
N MET A 679 -2.22 0.12 4.44
CA MET A 679 -1.96 1.23 3.53
C MET A 679 -2.87 2.43 3.82
N ALA A 680 -4.17 2.16 4.01
CA ALA A 680 -5.12 3.24 4.29
C ALA A 680 -4.82 3.91 5.63
N LEU A 681 -4.47 3.12 6.66
CA LEU A 681 -4.15 3.74 7.94
C LEU A 681 -2.79 4.44 7.94
N SER A 682 -1.91 4.13 6.96
CA SER A 682 -0.69 4.90 6.75
C SER A 682 -0.95 6.25 6.11
N GLY A 683 -2.10 6.44 5.48
CA GLY A 683 -2.47 7.73 4.91
C GLY A 683 -2.69 7.79 3.41
N LEU A 684 -2.43 6.71 2.65
CA LEU A 684 -2.59 6.76 1.20
C LEU A 684 -3.93 6.12 0.85
N PRO A 685 -4.90 6.87 0.31
CA PRO A 685 -6.26 6.34 0.14
C PRO A 685 -6.59 5.72 -1.21
N ASN A 686 -5.74 5.89 -2.23
CA ASN A 686 -6.01 5.35 -3.56
C ASN A 686 -4.99 4.26 -3.84
N TRP A 687 -5.43 3.01 -3.75
CA TRP A 687 -4.58 1.84 -3.74
C TRP A 687 -5.27 0.72 -4.49
N THR A 688 -4.47 -0.15 -5.11
CA THR A 688 -5.01 -1.25 -5.89
C THR A 688 -3.97 -2.37 -5.96
N PHE A 689 -4.28 -3.40 -6.76
CA PHE A 689 -3.38 -4.52 -7.01
C PHE A 689 -3.73 -5.08 -8.37
N ASP A 690 -2.89 -6.02 -8.84
CA ASP A 690 -3.17 -6.79 -10.05
C ASP A 690 -4.20 -7.88 -9.73
N ILE A 691 -5.45 -7.74 -10.19
CA ILE A 691 -6.40 -8.84 -10.02
C ILE A 691 -5.81 -10.11 -10.60
N GLY A 692 -5.77 -11.17 -9.78
CA GLY A 692 -5.23 -12.46 -10.18
C GLY A 692 -3.75 -12.64 -9.98
N GLY A 693 -3.01 -11.58 -9.64
CA GLY A 693 -1.57 -11.66 -9.49
C GLY A 693 -0.83 -11.31 -10.77
N PHE A 694 0.42 -10.87 -10.61
CA PHE A 694 1.23 -10.44 -11.76
C PHE A 694 1.88 -11.62 -12.48
N ALA A 695 2.76 -12.35 -11.78
CA ALA A 695 3.53 -13.43 -12.37
C ALA A 695 2.94 -14.78 -11.98
N VAL A 696 3.11 -15.78 -12.85
CA VAL A 696 2.39 -17.05 -12.76
C VAL A 696 3.36 -18.21 -12.92
N GLU A 697 2.99 -19.35 -12.32
CA GLU A 697 3.76 -20.58 -12.49
C GLU A 697 3.61 -21.14 -13.90
N LYS A 698 4.51 -22.06 -14.23
CA LYS A 698 4.56 -22.61 -15.59
C LYS A 698 3.26 -23.33 -15.94
N ARG A 699 2.64 -24.00 -14.96
CA ARG A 699 1.39 -24.71 -15.23
C ARG A 699 0.29 -23.76 -15.70
N TYR A 700 0.34 -22.50 -15.29
CA TYR A 700 -0.63 -21.53 -15.76
C TYR A 700 -0.20 -20.88 -17.08
N GLU A 701 1.08 -20.54 -17.21
CA GLU A 701 1.56 -19.90 -18.43
C GLU A 701 1.43 -20.84 -19.64
N ASP A 702 1.74 -22.12 -19.45
CA ASP A 702 1.57 -23.10 -20.50
C ASP A 702 0.12 -23.53 -20.69
N GLN A 703 -0.81 -23.02 -19.88
CA GLN A 703 -2.23 -23.32 -19.99
C GLN A 703 -2.50 -24.83 -19.96
N ASP A 704 -1.84 -25.51 -19.03
CA ASP A 704 -2.11 -26.91 -18.72
C ASP A 704 -3.59 -27.08 -18.38
N PRO A 705 -4.35 -27.91 -19.11
CA PRO A 705 -5.77 -28.08 -18.77
C PRO A 705 -6.00 -28.68 -17.40
N ALA A 706 -5.03 -29.41 -16.85
CA ALA A 706 -5.17 -29.97 -15.51
C ALA A 706 -5.29 -28.89 -14.44
N HIS A 707 -4.76 -27.69 -14.70
CA HIS A 707 -4.76 -26.60 -13.73
C HIS A 707 -5.65 -25.44 -14.14
N LEU A 708 -6.38 -25.57 -15.25
CA LEU A 708 -7.31 -24.51 -15.65
C LEU A 708 -8.41 -24.25 -14.62
N PRO A 709 -9.01 -25.25 -13.97
CA PRO A 709 -10.03 -24.91 -12.96
C PRO A 709 -9.48 -24.01 -11.84
N GLU A 710 -8.25 -24.27 -11.37
CA GLU A 710 -7.70 -23.45 -10.29
C GLU A 710 -7.33 -22.06 -10.79
N TRP A 711 -6.78 -21.96 -12.01
CA TRP A 711 -6.51 -20.65 -12.59
C TRP A 711 -7.78 -19.81 -12.66
N ARG A 712 -8.89 -20.43 -13.10
CA ARG A 712 -10.13 -19.68 -13.22
C ARG A 712 -10.71 -19.31 -11.86
N GLU A 713 -10.62 -20.22 -10.89
CA GLU A 713 -11.21 -19.95 -9.58
C GLU A 713 -10.42 -18.88 -8.83
N LEU A 714 -9.09 -18.93 -8.90
CA LEU A 714 -8.27 -17.89 -8.28
C LEU A 714 -8.58 -16.52 -8.87
N ASN A 715 -8.63 -16.42 -10.20
CA ASN A 715 -8.87 -15.13 -10.83
C ASN A 715 -10.27 -14.61 -10.55
N THR A 716 -11.26 -15.52 -10.46
CA THR A 716 -12.62 -15.11 -10.15
C THR A 716 -12.73 -14.60 -8.70
N ARG A 717 -12.16 -15.33 -7.73
CA ARG A 717 -12.20 -14.84 -6.35
C ARG A 717 -11.48 -13.50 -6.20
N TRP A 718 -10.36 -13.35 -6.91
CA TRP A 718 -9.57 -12.13 -6.80
C TRP A 718 -10.26 -10.97 -7.51
N PHE A 719 -11.06 -11.29 -8.55
CA PHE A 719 -11.84 -10.26 -9.24
C PHE A 719 -12.96 -9.74 -8.35
N GLN A 720 -13.64 -10.64 -7.63
CA GLN A 720 -14.63 -10.24 -6.64
C GLN A 720 -14.04 -9.27 -5.62
N PHE A 721 -12.86 -9.61 -5.10
CA PHE A 721 -12.13 -8.78 -4.14
C PHE A 721 -11.76 -7.42 -4.76
N GLY A 722 -11.19 -7.42 -5.97
CA GLY A 722 -10.78 -6.17 -6.60
C GLY A 722 -11.92 -5.20 -6.87
N ALA A 723 -13.14 -5.70 -7.08
CA ALA A 723 -14.29 -4.82 -7.26
C ALA A 723 -14.58 -3.98 -6.01
N PHE A 724 -14.03 -4.36 -4.86
CA PHE A 724 -14.28 -3.71 -3.57
C PHE A 724 -12.98 -3.19 -2.94
N VAL A 725 -12.05 -2.72 -3.75
CA VAL A 725 -10.90 -1.95 -3.25
C VAL A 725 -10.92 -0.59 -3.95
N PRO A 726 -10.15 0.40 -3.49
CA PRO A 726 -10.37 1.78 -3.98
C PRO A 726 -10.30 1.92 -5.50
N ILE A 727 -9.31 1.30 -6.14
CA ILE A 727 -9.19 1.31 -7.58
C ILE A 727 -9.29 -0.13 -8.08
N PHE A 728 -10.12 -0.34 -9.11
CA PHE A 728 -10.58 -1.63 -9.61
C PHE A 728 -9.84 -1.92 -10.93
N ARG A 729 -8.89 -2.85 -10.90
CA ARG A 729 -7.93 -2.96 -12.00
C ARG A 729 -7.46 -4.40 -12.23
N SER A 730 -7.61 -4.86 -13.49
CA SER A 730 -7.11 -6.16 -13.94
C SER A 730 -5.80 -5.98 -14.68
N HIS A 731 -4.78 -6.76 -14.32
CA HIS A 731 -3.45 -6.68 -14.94
C HIS A 731 -2.69 -7.97 -14.68
N GLY A 732 -1.71 -8.25 -15.54
CA GLY A 732 -0.74 -9.28 -15.24
C GLY A 732 -0.11 -9.89 -16.48
N GLN A 733 0.80 -10.82 -16.23
CA GLN A 733 1.51 -11.53 -17.29
C GLN A 733 0.63 -12.66 -17.85
N PHE A 734 1.02 -13.16 -19.03
CA PHE A 734 0.26 -14.20 -19.72
C PHE A 734 -0.04 -15.38 -18.79
N PRO A 735 -1.27 -15.94 -18.83
CA PRO A 735 -2.39 -15.76 -19.77
C PRO A 735 -3.06 -14.38 -19.76
N TYR A 736 -3.78 -14.07 -20.84
CA TYR A 736 -4.51 -12.81 -20.93
C TYR A 736 -5.56 -12.74 -19.83
N ARG A 737 -5.90 -11.51 -19.41
CA ARG A 737 -6.73 -11.33 -18.22
C ARG A 737 -8.10 -10.71 -18.47
N GLU A 738 -8.43 -10.34 -19.70
CA GLU A 738 -9.78 -9.86 -19.95
C GLU A 738 -10.80 -10.93 -19.54
N ILE A 739 -12.01 -10.47 -19.20
CA ILE A 739 -13.01 -11.35 -18.60
C ILE A 739 -13.22 -12.60 -19.45
N TRP A 740 -13.43 -12.41 -20.77
CA TRP A 740 -13.68 -13.54 -21.65
C TRP A 740 -12.44 -14.39 -21.91
N ASN A 741 -11.24 -13.88 -21.62
CA ASN A 741 -10.04 -14.71 -21.72
C ASN A 741 -9.74 -15.49 -20.46
N ILE A 742 -10.26 -15.07 -19.31
CA ILE A 742 -10.20 -15.92 -18.13
C ILE A 742 -11.03 -17.18 -18.34
N ALA A 743 -12.28 -17.00 -18.79
CA ALA A 743 -13.19 -18.12 -19.00
C ALA A 743 -14.29 -17.67 -19.95
N PRO A 744 -14.85 -18.57 -20.76
CA PRO A 744 -15.86 -18.17 -21.73
C PRO A 744 -17.24 -18.00 -21.10
N GLU A 745 -18.08 -17.24 -21.80
CA GLU A 745 -19.47 -17.07 -21.40
C GLU A 745 -20.15 -18.43 -21.33
N GLY A 746 -20.99 -18.61 -20.30
CA GLY A 746 -21.56 -19.89 -19.98
C GLY A 746 -21.00 -20.50 -18.71
N THR A 747 -19.79 -20.09 -18.30
CA THR A 747 -19.18 -20.60 -17.08
C THR A 747 -19.60 -19.74 -15.89
N PRO A 748 -19.54 -20.31 -14.68
CA PRO A 748 -19.80 -19.48 -13.49
C PRO A 748 -18.76 -18.38 -13.30
N PHE A 749 -17.53 -18.60 -13.77
CA PHE A 749 -16.49 -17.59 -13.70
C PHE A 749 -16.87 -16.34 -14.48
N TYR A 750 -17.33 -16.52 -15.73
CA TYR A 750 -17.74 -15.37 -16.53
C TYR A 750 -18.97 -14.68 -15.94
N GLU A 751 -19.96 -15.48 -15.50
CA GLU A 751 -21.14 -14.90 -14.84
C GLU A 751 -20.74 -14.05 -13.65
N SER A 752 -19.79 -14.53 -12.84
CA SER A 752 -19.39 -13.80 -11.64
C SER A 752 -18.67 -12.50 -11.97
N MET A 753 -17.68 -12.57 -12.87
CA MET A 753 -16.93 -11.37 -13.21
C MET A 753 -17.83 -10.33 -13.85
N ALA A 754 -18.74 -10.74 -14.73
CA ALA A 754 -19.66 -9.77 -15.33
C ALA A 754 -20.54 -9.12 -14.27
N TYR A 755 -21.00 -9.89 -13.29
CA TYR A 755 -21.86 -9.33 -12.24
C TYR A 755 -21.13 -8.28 -11.42
N TYR A 756 -19.93 -8.60 -10.94
CA TYR A 756 -19.22 -7.64 -10.11
C TYR A 756 -18.71 -6.46 -10.92
N ASN A 757 -18.33 -6.69 -12.19
CA ASN A 757 -17.99 -5.60 -13.09
C ASN A 757 -19.14 -4.60 -13.21
N ARG A 758 -20.38 -5.10 -13.37
CA ARG A 758 -21.52 -4.22 -13.51
C ARG A 758 -21.98 -3.63 -12.18
N LEU A 759 -21.91 -4.41 -11.10
CA LEU A 759 -22.27 -3.88 -9.77
C LEU A 759 -21.41 -2.68 -9.40
N ARG A 760 -20.11 -2.73 -9.71
CA ARG A 760 -19.23 -1.60 -9.45
C ARG A 760 -19.76 -0.32 -10.07
N SER A 761 -20.26 -0.41 -11.30
CA SER A 761 -20.77 0.78 -11.98
C SER A 761 -22.03 1.31 -11.32
N ALA A 762 -22.88 0.41 -10.80
CA ALA A 762 -24.08 0.83 -10.07
C ALA A 762 -23.73 1.47 -8.73
N LEU A 763 -22.63 1.05 -8.11
CA LEU A 763 -22.22 1.60 -6.83
C LEU A 763 -21.38 2.87 -6.96
N LEU A 764 -21.14 3.36 -8.17
CA LEU A 764 -20.30 4.55 -8.34
C LEU A 764 -20.75 5.77 -7.53
N PRO A 765 -22.04 6.10 -7.38
CA PRO A 765 -22.38 7.28 -6.55
C PRO A 765 -21.85 7.16 -5.13
N TYR A 766 -21.98 5.97 -4.54
CA TYR A 766 -21.43 5.69 -3.21
C TYR A 766 -19.91 5.79 -3.22
N ILE A 767 -19.27 5.10 -4.16
CA ILE A 767 -17.81 5.07 -4.20
C ILE A 767 -17.24 6.47 -4.40
N TYR A 768 -17.81 7.24 -5.34
CA TYR A 768 -17.26 8.56 -5.62
C TYR A 768 -17.54 9.55 -4.50
N SER A 769 -18.61 9.36 -3.73
CA SER A 769 -18.81 10.18 -2.54
C SER A 769 -17.67 9.99 -1.57
N LEU A 770 -17.27 8.73 -1.36
CA LEU A 770 -16.11 8.43 -0.52
C LEU A 770 -14.85 9.09 -1.08
N ALA A 771 -14.67 9.05 -2.41
CA ALA A 771 -13.50 9.70 -3.02
C ALA A 771 -13.52 11.20 -2.75
N GLY A 772 -14.68 11.85 -2.85
CA GLY A 772 -14.77 13.25 -2.50
C GLY A 772 -14.31 13.52 -1.09
N ASP A 773 -14.66 12.63 -0.16
CA ASP A 773 -14.30 12.86 1.23
C ASP A 773 -12.85 12.49 1.54
N THR A 774 -12.13 11.79 0.64
CA THR A 774 -10.69 11.67 0.87
C THR A 774 -10.04 13.04 0.90
N TYR A 775 -10.57 14.00 0.12
CA TYR A 775 -10.10 15.37 0.17
C TYR A 775 -10.87 16.20 1.19
N GLN A 776 -12.21 16.23 1.10
CA GLN A 776 -13.01 17.14 1.93
C GLN A 776 -12.83 16.86 3.42
N ARG A 777 -12.73 15.58 3.80
CA ARG A 777 -12.70 15.21 5.21
C ARG A 777 -11.44 14.42 5.57
N ASP A 778 -10.42 14.49 4.72
CA ASP A 778 -9.14 13.81 4.95
C ASP A 778 -9.37 12.33 5.26
N GLY A 779 -10.27 11.71 4.48
CA GLY A 779 -10.75 10.37 4.75
C GLY A 779 -10.06 9.28 3.91
N VAL A 780 -10.53 8.06 4.13
CA VAL A 780 -10.08 6.86 3.43
C VAL A 780 -11.26 6.21 2.71
N ILE A 781 -10.97 5.17 1.93
CA ILE A 781 -11.99 4.36 1.23
C ILE A 781 -12.02 2.93 1.77
N MET A 782 -10.87 2.26 1.78
CA MET A 782 -10.73 0.95 2.40
C MET A 782 -10.52 1.11 3.91
N ARG A 783 -11.41 0.52 4.70
CA ARG A 783 -11.44 0.72 6.15
C ARG A 783 -11.16 -0.58 6.89
N GLY A 784 -10.17 -0.58 7.77
CA GLY A 784 -10.07 -1.67 8.73
C GLY A 784 -11.29 -1.71 9.64
N MET A 785 -11.68 -2.92 10.05
CA MET A 785 -12.87 -3.06 10.90
C MET A 785 -12.70 -2.32 12.22
N MET A 786 -11.46 -2.16 12.70
CA MET A 786 -11.23 -1.47 13.96
C MET A 786 -11.52 0.02 13.86
N MET A 787 -11.57 0.59 12.65
CA MET A 787 -11.86 2.02 12.53
C MET A 787 -13.27 2.32 13.03
N ASP A 788 -14.23 1.48 12.70
CA ASP A 788 -15.63 1.73 13.05
C ASP A 788 -16.07 0.93 14.26
N PHE A 789 -15.30 -0.06 14.68
CA PHE A 789 -15.60 -0.87 15.86
C PHE A 789 -14.38 -0.90 16.78
N PRO A 790 -13.97 0.27 17.29
CA PRO A 790 -12.72 0.34 18.07
C PRO A 790 -12.83 -0.31 19.43
N ASN A 791 -14.03 -0.65 19.89
CA ASN A 791 -14.21 -1.28 21.19
C ASN A 791 -14.50 -2.77 21.08
N ASP A 792 -14.31 -3.39 19.91
CA ASP A 792 -14.47 -4.83 19.75
C ASP A 792 -13.10 -5.44 19.60
N PRO A 793 -12.55 -6.06 20.65
CA PRO A 793 -11.18 -6.59 20.54
C PRO A 793 -11.03 -7.67 19.49
N LYS A 794 -12.11 -8.31 19.08
CA LYS A 794 -12.01 -9.44 18.15
C LYS A 794 -11.66 -8.98 16.74
N VAL A 795 -11.84 -7.69 16.42
CA VAL A 795 -11.51 -7.24 15.07
C VAL A 795 -10.09 -6.72 14.96
N ARG A 796 -9.31 -6.70 16.04
CA ARG A 796 -7.98 -6.11 15.99
C ARG A 796 -7.00 -6.92 15.14
N ASP A 797 -7.13 -8.25 15.12
CA ASP A 797 -6.12 -9.11 14.47
C ASP A 797 -6.63 -9.87 13.25
N ILE A 798 -7.92 -9.85 12.96
CA ILE A 798 -8.47 -10.58 11.81
C ILE A 798 -7.85 -10.03 10.53
N ASN A 799 -7.27 -10.91 9.72
CA ASN A 799 -6.47 -10.45 8.58
C ASN A 799 -7.13 -10.69 7.23
N ASP A 800 -8.41 -11.10 7.20
CA ASP A 800 -9.03 -11.40 5.91
C ASP A 800 -10.46 -10.84 5.80
N GLN A 801 -10.73 -9.72 6.49
CA GLN A 801 -11.98 -8.98 6.35
C GLN A 801 -11.66 -7.49 6.45
N TYR A 802 -12.51 -6.66 5.85
CA TYR A 802 -12.37 -5.21 5.92
C TYR A 802 -13.71 -4.59 5.54
N LEU A 803 -13.77 -3.26 5.60
CA LEU A 803 -14.95 -2.51 5.19
C LEU A 803 -14.63 -1.68 3.95
N PHE A 804 -15.52 -1.74 2.96
CA PHE A 804 -15.42 -0.90 1.76
C PHE A 804 -16.34 0.30 1.98
N GLY A 805 -15.76 1.40 2.43
CA GLY A 805 -16.52 2.50 2.96
C GLY A 805 -17.25 2.08 4.23
N PRO A 806 -18.19 2.90 4.70
CA PRO A 806 -18.87 2.59 5.98
C PRO A 806 -19.88 1.47 5.89
N ALA A 807 -20.35 1.10 4.70
CA ALA A 807 -21.50 0.20 4.60
C ALA A 807 -21.15 -1.27 4.43
N PHE A 808 -20.12 -1.61 3.65
CA PHE A 808 -19.92 -2.99 3.18
C PHE A 808 -18.83 -3.71 3.96
N LEU A 809 -19.22 -4.77 4.68
CA LEU A 809 -18.25 -5.71 5.24
C LEU A 809 -17.89 -6.75 4.17
N VAL A 810 -16.61 -6.83 3.82
CA VAL A 810 -16.11 -7.65 2.72
C VAL A 810 -15.27 -8.79 3.30
N ALA A 811 -15.51 -10.02 2.85
CA ALA A 811 -14.75 -11.18 3.31
C ALA A 811 -14.35 -12.06 2.13
N PRO A 812 -13.24 -11.73 1.46
CA PRO A 812 -12.87 -12.50 0.26
C PRO A 812 -12.58 -13.96 0.58
N VAL A 813 -12.80 -14.81 -0.41
CA VAL A 813 -12.55 -16.25 -0.28
C VAL A 813 -11.17 -16.56 -0.86
N THR A 814 -10.30 -17.17 -0.06
CA THR A 814 -8.90 -17.34 -0.46
C THR A 814 -8.46 -18.81 -0.40
N ARG A 815 -9.39 -19.74 -0.63
CA ARG A 815 -9.08 -21.17 -0.67
C ARG A 815 -9.75 -21.82 -1.87
N PHE A 816 -8.95 -22.56 -2.66
CA PHE A 816 -9.46 -23.35 -3.78
C PHE A 816 -10.48 -24.39 -3.30
N GLY A 817 -11.65 -24.42 -3.95
CA GLY A 817 -12.69 -25.38 -3.62
C GLY A 817 -13.60 -24.99 -2.48
N ALA A 818 -13.43 -23.81 -1.89
CA ALA A 818 -14.33 -23.40 -0.82
C ALA A 818 -15.67 -22.97 -1.40
N THR A 819 -16.76 -23.36 -0.73
CA THR A 819 -18.09 -22.88 -1.09
C THR A 819 -18.73 -22.09 0.05
N SER A 820 -17.96 -21.78 1.08
CA SER A 820 -18.35 -21.00 2.24
C SER A 820 -17.07 -20.61 2.98
N ARG A 821 -17.19 -19.65 3.91
CA ARG A 821 -16.09 -19.35 4.81
C ARG A 821 -16.64 -18.74 6.11
N GLN A 822 -15.86 -18.89 7.18
CA GLN A 822 -16.18 -18.23 8.42
C GLN A 822 -16.01 -16.72 8.29
N VAL A 823 -16.99 -15.98 8.79
CA VAL A 823 -17.00 -14.52 8.79
C VAL A 823 -17.40 -14.04 10.18
N TYR A 824 -16.57 -13.19 10.79
CA TYR A 824 -16.91 -12.57 12.06
C TYR A 824 -17.63 -11.25 11.81
N LEU A 825 -18.83 -11.10 12.38
CA LEU A 825 -19.59 -9.86 12.26
C LEU A 825 -19.36 -9.00 13.50
N PRO A 826 -18.85 -7.78 13.37
CA PRO A 826 -18.51 -6.98 14.56
C PRO A 826 -19.70 -6.71 15.46
N ALA A 827 -19.41 -6.61 16.75
CA ALA A 827 -20.42 -6.41 17.78
C ALA A 827 -20.92 -4.97 17.78
N GLY A 828 -22.19 -4.79 18.14
CA GLY A 828 -22.78 -3.47 18.30
C GLY A 828 -23.71 -3.06 17.18
N SER A 829 -23.80 -3.84 16.11
N SER A 829 -23.79 -3.85 16.11
N SER A 829 -23.73 -3.81 16.08
CA SER A 829 -24.67 -3.56 14.99
CA SER A 829 -24.68 -3.56 15.01
CA SER A 829 -24.63 -3.57 14.96
C SER A 829 -25.13 -4.87 14.37
C SER A 829 -25.13 -4.86 14.39
C SER A 829 -25.18 -4.90 14.49
N SER A 830 -26.35 -4.86 13.85
CA SER A 830 -26.81 -6.00 13.07
C SER A 830 -26.35 -5.80 11.62
N TRP A 831 -26.45 -6.87 10.85
CA TRP A 831 -25.85 -6.96 9.52
C TRP A 831 -26.82 -7.62 8.56
N LEU A 832 -26.93 -7.07 7.35
CA LEU A 832 -27.78 -7.63 6.31
C LEU A 832 -26.93 -8.27 5.23
N GLU A 833 -27.17 -9.55 4.95
CA GLU A 833 -26.45 -10.23 3.87
C GLU A 833 -26.84 -9.61 2.52
N PHE A 834 -25.84 -9.11 1.77
CA PHE A 834 -26.13 -8.36 0.56
C PHE A 834 -26.92 -9.19 -0.45
N ALA A 835 -26.60 -10.46 -0.59
CA ALA A 835 -27.19 -11.31 -1.62
C ALA A 835 -28.60 -11.80 -1.29
N THR A 836 -29.05 -11.68 -0.04
CA THR A 836 -30.32 -12.30 0.36
C THR A 836 -31.22 -11.38 1.18
N GLY A 837 -30.64 -10.42 1.89
CA GLY A 837 -31.40 -9.63 2.84
C GLY A 837 -31.51 -10.23 4.23
N LYS A 838 -31.00 -11.44 4.44
CA LYS A 838 -31.06 -12.08 5.76
C LYS A 838 -30.32 -11.26 6.81
N ARG A 839 -30.92 -11.13 7.99
CA ARG A 839 -30.37 -10.31 9.06
C ARG A 839 -29.61 -11.17 10.08
N TYR A 840 -28.44 -10.70 10.49
CA TYR A 840 -27.59 -11.38 11.47
C TYR A 840 -27.22 -10.42 12.57
N GLU A 841 -27.33 -10.87 13.82
CA GLU A 841 -26.90 -10.02 14.92
C GLU A 841 -25.38 -9.93 14.94
N GLY A 842 -24.87 -8.83 15.51
CA GLY A 842 -23.43 -8.66 15.59
C GLY A 842 -22.81 -9.50 16.69
N GLY A 843 -21.48 -9.52 16.68
CA GLY A 843 -20.71 -10.23 17.68
C GLY A 843 -20.73 -11.74 17.55
N GLN A 844 -20.70 -12.26 16.32
CA GLN A 844 -20.71 -13.70 16.09
C GLN A 844 -19.94 -14.04 14.83
N SER A 845 -19.47 -15.29 14.78
CA SER A 845 -18.89 -15.87 13.58
C SER A 845 -19.89 -16.83 12.95
N ILE A 846 -20.12 -16.67 11.64
CA ILE A 846 -21.06 -17.49 10.90
C ILE A 846 -20.32 -18.16 9.74
N GLU A 847 -20.90 -19.26 9.24
CA GLU A 847 -20.40 -19.88 8.02
C GLU A 847 -21.16 -19.25 6.85
N ALA A 848 -20.54 -18.25 6.21
CA ALA A 848 -21.20 -17.48 5.18
C ALA A 848 -21.15 -18.21 3.85
N ALA A 849 -22.30 -18.29 3.18
CA ALA A 849 -22.36 -18.94 1.87
C ALA A 849 -21.49 -18.20 0.86
N ALA A 850 -20.75 -18.97 0.06
CA ALA A 850 -19.83 -18.38 -0.92
C ALA A 850 -19.65 -19.36 -2.08
N PRO A 851 -20.67 -19.53 -2.92
CA PRO A 851 -20.45 -20.32 -4.14
C PRO A 851 -19.40 -19.64 -4.99
N ILE A 852 -18.89 -20.37 -5.99
CA ILE A 852 -17.80 -19.83 -6.81
C ILE A 852 -18.15 -18.43 -7.29
N GLU A 853 -19.42 -18.21 -7.62
CA GLU A 853 -19.78 -16.97 -8.31
C GLU A 853 -20.07 -15.79 -7.37
N ARG A 854 -20.02 -15.96 -6.05
CA ARG A 854 -20.35 -14.86 -5.14
C ARG A 854 -19.42 -14.84 -3.93
N MET A 855 -19.03 -13.63 -3.51
CA MET A 855 -18.18 -13.32 -2.37
C MET A 855 -19.02 -12.88 -1.17
N PRO A 856 -18.71 -13.37 0.02
CA PRO A 856 -19.44 -12.92 1.21
C PRO A 856 -19.39 -11.41 1.38
N LEU A 857 -20.56 -10.81 1.53
CA LEU A 857 -20.72 -9.37 1.59
C LEU A 857 -21.89 -9.07 2.51
N PHE A 858 -21.67 -8.23 3.53
CA PHE A 858 -22.69 -7.89 4.51
C PHE A 858 -22.75 -6.38 4.67
N VAL A 859 -23.94 -5.85 4.94
CA VAL A 859 -24.17 -4.41 5.01
C VAL A 859 -24.56 -4.02 6.43
N ARG A 860 -23.89 -3.00 6.96
CA ARG A 860 -24.16 -2.57 8.32
C ARG A 860 -25.56 -1.97 8.43
N ALA A 861 -26.31 -2.39 9.46
CA ALA A 861 -27.60 -1.77 9.71
C ALA A 861 -27.47 -0.24 9.81
N GLY A 862 -28.41 0.46 9.18
CA GLY A 862 -28.37 1.90 9.14
C GLY A 862 -27.60 2.49 7.97
N SER A 863 -27.02 1.65 7.11
CA SER A 863 -26.28 2.17 5.96
C SER A 863 -27.22 2.76 4.92
N ILE A 864 -26.86 3.94 4.41
CA ILE A 864 -27.52 4.58 3.29
C ILE A 864 -26.56 4.52 2.10
N VAL A 865 -26.96 3.85 1.03
CA VAL A 865 -26.05 3.60 -0.09
C VAL A 865 -26.59 4.23 -1.36
N PRO A 866 -26.02 5.35 -1.83
CA PRO A 866 -26.46 5.91 -3.11
C PRO A 866 -25.96 5.09 -4.29
N THR A 867 -26.87 4.79 -5.21
CA THR A 867 -26.60 3.91 -6.34
C THR A 867 -27.19 4.52 -7.60
N GLY A 868 -26.77 3.98 -8.74
CA GLY A 868 -27.29 4.38 -10.02
C GLY A 868 -27.50 3.17 -10.91
N PRO A 869 -27.93 3.38 -12.15
CA PRO A 869 -28.08 2.25 -13.07
C PRO A 869 -26.73 1.69 -13.45
N VAL A 870 -26.72 0.42 -13.88
CA VAL A 870 -25.53 -0.14 -14.48
C VAL A 870 -25.16 0.69 -15.70
N GLN A 871 -23.86 1.01 -15.82
CA GLN A 871 -23.33 1.84 -16.90
C GLN A 871 -22.12 1.16 -17.52
N GLU A 872 -22.01 1.25 -18.85
CA GLU A 872 -20.84 0.71 -19.56
C GLU A 872 -19.61 1.58 -19.37
N TYR A 873 -19.80 2.84 -19.00
CA TYR A 873 -18.72 3.78 -18.72
C TYR A 873 -19.34 4.93 -17.96
N VAL A 874 -18.49 5.72 -17.29
CA VAL A 874 -18.98 6.79 -16.44
C VAL A 874 -19.82 7.77 -17.24
N ASP A 875 -21.00 8.11 -16.71
CA ASP A 875 -21.89 9.11 -17.29
C ASP A 875 -22.41 8.69 -18.67
N GLN A 876 -22.46 7.38 -18.94
CA GLN A 876 -23.04 6.90 -20.19
C GLN A 876 -24.47 7.40 -20.34
N VAL A 877 -25.30 7.17 -19.33
CA VAL A 877 -26.63 7.74 -19.26
C VAL A 877 -26.51 9.09 -18.54
N ALA A 878 -26.72 10.17 -19.28
CA ALA A 878 -26.71 11.48 -18.68
C ALA A 878 -27.98 11.71 -17.86
N ASP A 879 -27.84 12.48 -16.79
CA ASP A 879 -28.96 12.79 -15.89
C ASP A 879 -29.65 11.50 -15.43
N ALA A 880 -28.83 10.51 -15.07
CA ALA A 880 -29.35 9.24 -14.60
C ALA A 880 -30.09 9.44 -13.28
N PRO A 881 -31.14 8.67 -13.05
CA PRO A 881 -31.80 8.69 -11.75
C PRO A 881 -30.91 8.11 -10.67
N LEU A 882 -31.04 8.67 -9.47
CA LEU A 882 -30.32 8.21 -8.28
C LEU A 882 -31.25 7.31 -7.47
N THR A 883 -30.75 6.15 -7.04
CA THR A 883 -31.49 5.24 -6.18
C THR A 883 -30.79 5.17 -4.82
N VAL A 884 -31.47 5.62 -3.77
CA VAL A 884 -30.94 5.56 -2.43
C VAL A 884 -31.43 4.29 -1.78
N VAL A 885 -30.51 3.38 -1.45
CA VAL A 885 -30.86 2.11 -0.80
C VAL A 885 -30.60 2.23 0.69
N VAL A 886 -31.65 2.03 1.49
CA VAL A 886 -31.58 2.14 2.94
C VAL A 886 -31.62 0.73 3.52
N TYR A 887 -30.55 0.35 4.25
CA TYR A 887 -30.50 -0.91 4.97
C TYR A 887 -30.88 -0.62 6.43
N THR A 888 -32.07 -1.06 6.83
CA THR A 888 -32.66 -0.64 8.10
C THR A 888 -32.04 -1.38 9.29
N GLY A 889 -32.38 -0.90 10.48
CA GLY A 889 -32.05 -1.59 11.70
C GLY A 889 -31.39 -0.71 12.74
N ALA A 890 -30.96 0.49 12.33
CA ALA A 890 -30.35 1.47 13.20
C ALA A 890 -30.43 2.83 12.51
N ASP A 891 -30.24 3.90 13.28
CA ASP A 891 -30.12 5.22 12.68
C ASP A 891 -28.90 5.26 11.76
N GLY A 892 -28.94 6.17 10.77
CA GLY A 892 -27.80 6.31 9.89
C GLY A 892 -27.80 7.64 9.18
N GLN A 893 -26.65 8.00 8.61
CA GLN A 893 -26.53 9.22 7.83
C GLN A 893 -25.43 9.09 6.79
N PHE A 894 -25.61 9.80 5.66
CA PHE A 894 -24.64 9.78 4.56
C PHE A 894 -24.81 11.07 3.79
N SER A 895 -23.77 11.91 3.79
CA SER A 895 -23.81 13.17 3.04
C SER A 895 -23.24 12.93 1.63
N LEU A 896 -24.12 12.90 0.64
CA LEU A 896 -23.74 12.56 -0.74
C LEU A 896 -22.97 13.71 -1.38
N TYR A 897 -21.68 13.47 -1.66
CA TYR A 897 -20.82 14.43 -2.34
C TYR A 897 -20.88 14.19 -3.85
N GLU A 898 -21.05 15.28 -4.62
CA GLU A 898 -20.97 15.23 -6.08
C GLU A 898 -20.21 16.46 -6.59
N ASP A 899 -19.57 16.32 -7.76
CA ASP A 899 -18.89 17.45 -8.42
C ASP A 899 -18.72 17.11 -9.90
N ASP A 900 -17.96 17.95 -10.64
CA ASP A 900 -17.92 17.71 -12.09
C ASP A 900 -17.01 16.55 -12.47
N GLY A 901 -16.20 16.02 -11.55
CA GLY A 901 -15.40 14.84 -11.79
C GLY A 901 -14.22 15.02 -12.72
N LYS A 902 -13.97 16.25 -13.19
CA LYS A 902 -13.06 16.43 -14.31
C LYS A 902 -11.94 17.43 -14.07
N GLY A 903 -12.22 18.56 -13.41
CA GLY A 903 -11.21 19.59 -13.16
C GLY A 903 -11.05 19.95 -11.69
N TYR A 904 -10.32 21.03 -11.41
CA TYR A 904 -9.98 21.38 -10.04
C TYR A 904 -10.95 22.42 -9.44
N GLY A 905 -12.14 22.55 -10.01
CA GLY A 905 -13.13 23.48 -9.46
C GLY A 905 -13.49 23.20 -8.02
N TYR A 906 -13.42 21.94 -7.59
CA TYR A 906 -13.72 21.60 -6.19
C TYR A 906 -12.82 22.38 -5.22
N GLU A 907 -11.61 22.73 -5.64
CA GLU A 907 -10.72 23.49 -4.78
C GLU A 907 -11.31 24.85 -4.44
N LYS A 908 -12.16 25.40 -5.32
CA LYS A 908 -12.77 26.70 -5.15
C LYS A 908 -14.21 26.59 -4.64
N GLY A 909 -14.61 25.41 -4.19
CA GLY A 909 -15.95 25.22 -3.68
C GLY A 909 -16.97 24.69 -4.66
N GLU A 910 -16.55 24.26 -5.85
CA GLU A 910 -17.49 23.77 -6.87
C GLU A 910 -17.76 22.28 -6.62
N PHE A 911 -18.68 22.02 -5.68
CA PHE A 911 -19.17 20.68 -5.40
C PHE A 911 -20.48 20.86 -4.65
N SER A 912 -21.28 19.80 -4.61
CA SER A 912 -22.52 19.82 -3.84
C SER A 912 -22.53 18.70 -2.80
N ARG A 913 -23.34 18.90 -1.77
CA ARG A 913 -23.60 17.88 -0.77
C ARG A 913 -25.10 17.81 -0.54
N ILE A 914 -25.64 16.61 -0.61
CA ILE A 914 -27.04 16.37 -0.30
C ILE A 914 -27.10 15.53 0.97
N PRO A 915 -27.53 16.07 2.11
CA PRO A 915 -27.59 15.28 3.34
C PRO A 915 -28.70 14.23 3.29
N LEU A 916 -28.34 12.99 3.61
CA LEU A 916 -29.30 11.89 3.74
C LEU A 916 -29.27 11.39 5.17
N VAL A 917 -30.44 11.33 5.81
CA VAL A 917 -30.54 10.94 7.21
C VAL A 917 -31.65 9.91 7.35
N TRP A 918 -31.36 8.79 8.00
CA TRP A 918 -32.33 7.74 8.26
C TRP A 918 -32.60 7.67 9.76
N ASN A 919 -33.88 7.86 10.15
CA ASN A 919 -34.29 7.72 11.54
C ASN A 919 -35.03 6.40 11.68
N GLN A 920 -34.46 5.48 12.45
CA GLN A 920 -35.00 4.12 12.52
C GLN A 920 -36.32 4.08 13.28
N ALA A 921 -36.43 4.85 14.38
CA ALA A 921 -37.67 4.86 15.14
C ALA A 921 -38.84 5.33 14.28
N LYS A 922 -38.65 6.44 13.57
CA LYS A 922 -39.72 6.98 12.72
C LYS A 922 -39.88 6.21 11.41
N GLY A 923 -38.88 5.47 10.97
CA GLY A 923 -38.95 4.88 9.64
C GLY A 923 -38.93 5.91 8.54
N GLU A 924 -38.11 6.95 8.69
CA GLU A 924 -38.14 8.11 7.80
C GLU A 924 -36.75 8.38 7.25
N LEU A 925 -36.66 8.49 5.94
CA LEU A 925 -35.47 8.97 5.25
C LEU A 925 -35.65 10.46 4.96
N SER A 926 -34.79 11.29 5.54
CA SER A 926 -34.80 12.72 5.28
C SER A 926 -33.74 13.03 4.23
N ILE A 927 -34.17 13.58 3.09
CA ILE A 927 -33.29 14.13 2.07
C ILE A 927 -33.21 15.63 2.31
N GLY A 928 -32.06 16.11 2.77
CA GLY A 928 -31.93 17.47 3.23
C GLY A 928 -31.75 18.50 2.12
N LYS A 929 -31.54 19.74 2.55
CA LYS A 929 -31.33 20.85 1.62
C LYS A 929 -29.97 20.70 0.94
N ARG A 930 -29.98 20.78 -0.40
CA ARG A 930 -28.72 20.74 -1.14
C ARG A 930 -27.90 22.00 -0.90
N GLU A 931 -26.58 21.84 -0.76
CA GLU A 931 -25.66 22.96 -0.65
C GLU A 931 -24.60 22.84 -1.72
N GLY A 932 -24.31 23.95 -2.40
CA GLY A 932 -23.27 24.01 -3.40
C GLY A 932 -23.77 23.74 -4.81
N SER A 933 -22.91 24.04 -5.79
CA SER A 933 -23.22 23.76 -7.17
C SER A 933 -21.92 23.63 -7.97
N TRP A 934 -22.06 23.12 -9.18
CA TRP A 934 -20.91 22.83 -10.02
C TRP A 934 -21.38 22.72 -11.47
N THR A 935 -20.43 22.87 -12.38
CA THR A 935 -20.73 22.85 -13.81
C THR A 935 -21.28 21.50 -14.27
N GLY A 936 -22.56 21.47 -14.65
CA GLY A 936 -23.21 20.26 -15.07
C GLY A 936 -24.12 19.63 -14.02
N MET A 937 -24.28 20.26 -12.86
CA MET A 937 -25.13 19.72 -11.81
C MET A 937 -26.58 19.65 -12.27
N GLN A 938 -27.28 18.59 -11.85
CA GLN A 938 -28.72 18.47 -12.06
C GLN A 938 -29.45 19.30 -11.02
N ALA A 939 -30.07 20.42 -11.43
CA ALA A 939 -30.83 21.24 -10.51
C ALA A 939 -32.08 20.51 -10.01
N LYS A 940 -32.76 19.82 -10.91
CA LYS A 940 -33.90 18.97 -10.57
C LYS A 940 -33.60 17.56 -11.05
N ARG A 941 -34.02 16.56 -10.27
CA ARG A 941 -33.64 15.19 -10.58
C ARG A 941 -34.60 14.21 -9.93
N THR A 942 -34.61 13.00 -10.46
CA THR A 942 -35.39 11.90 -9.92
C THR A 942 -34.57 11.14 -8.89
N ILE A 943 -35.15 10.92 -7.70
CA ILE A 943 -34.53 10.14 -6.66
C ILE A 943 -35.47 9.01 -6.28
N ASN A 944 -35.04 7.78 -6.48
CA ASN A 944 -35.77 6.61 -6.03
C ASN A 944 -35.23 6.15 -4.69
N VAL A 945 -36.08 5.46 -3.92
CA VAL A 945 -35.72 4.97 -2.60
C VAL A 945 -36.10 3.49 -2.51
N ARG A 946 -35.20 2.68 -1.97
CA ARG A 946 -35.42 1.25 -1.81
C ARG A 946 -35.04 0.87 -0.38
N PHE A 947 -35.92 0.15 0.31
CA PHE A 947 -35.69 -0.25 1.69
C PHE A 947 -35.38 -1.74 1.74
N VAL A 948 -34.26 -2.10 2.37
CA VAL A 948 -33.93 -3.48 2.68
C VAL A 948 -34.00 -3.62 4.19
N ASP A 949 -35.02 -4.33 4.68
CA ASP A 949 -35.17 -4.54 6.12
C ASP A 949 -35.13 -6.02 6.50
N GLY A 950 -34.83 -6.89 5.55
CA GLY A 950 -34.85 -8.32 5.75
C GLY A 950 -34.84 -9.04 4.41
N PRO A 951 -35.09 -10.35 4.43
CA PRO A 951 -35.03 -11.14 3.20
C PRO A 951 -35.89 -10.55 2.09
N ARG A 952 -35.31 -10.46 0.90
CA ARG A 952 -36.01 -9.91 -0.26
C ARG A 952 -35.54 -10.67 -1.50
N ASP A 953 -36.49 -11.02 -2.36
CA ASP A 953 -36.17 -11.93 -3.45
C ASP A 953 -35.15 -11.32 -4.42
N ASP A 954 -35.19 -10.01 -4.64
CA ASP A 954 -34.24 -9.37 -5.55
C ASP A 954 -33.07 -8.72 -4.82
N ALA A 955 -32.74 -9.20 -3.62
CA ALA A 955 -31.55 -8.68 -2.95
C ALA A 955 -30.32 -8.90 -3.82
N GLY A 956 -29.54 -7.84 -3.99
CA GLY A 956 -28.32 -7.90 -4.78
C GLY A 956 -28.51 -7.84 -6.28
N ALA A 957 -29.74 -7.75 -6.77
CA ALA A 957 -29.97 -7.65 -8.20
C ALA A 957 -29.43 -6.32 -8.75
N LEU A 958 -28.96 -6.35 -9.99
CA LEU A 958 -28.36 -5.16 -10.58
C LEU A 958 -29.40 -4.08 -10.85
N ALA A 959 -30.64 -4.46 -11.14
CA ALA A 959 -31.73 -3.52 -11.37
C ALA A 959 -32.90 -3.87 -10.46
N PRO A 960 -32.78 -3.58 -9.17
CA PRO A 960 -33.79 -4.03 -8.21
C PRO A 960 -35.01 -3.11 -8.18
N LYS A 961 -36.09 -3.64 -7.62
CA LYS A 961 -37.30 -2.85 -7.47
C LYS A 961 -37.12 -1.73 -6.46
N THR A 962 -37.65 -0.55 -6.79
CA THR A 962 -37.67 0.56 -5.85
C THR A 962 -39.06 0.68 -5.22
N ASP A 963 -39.09 1.31 -4.04
CA ASP A 963 -40.31 1.40 -3.25
C ASP A 963 -40.95 2.78 -3.25
N ALA A 964 -40.19 3.82 -3.57
CA ALA A 964 -40.73 5.17 -3.68
C ALA A 964 -39.89 5.94 -4.69
N SER A 965 -40.49 6.99 -5.25
CA SER A 965 -39.81 7.79 -6.25
C SER A 965 -40.30 9.23 -6.10
N ILE A 966 -39.37 10.17 -5.99
CA ILE A 966 -39.70 11.57 -5.76
C ILE A 966 -38.88 12.46 -6.69
N GLN A 967 -39.39 13.68 -6.90
CA GLN A 967 -38.68 14.72 -7.63
C GLN A 967 -38.02 15.66 -6.63
N TYR A 968 -36.73 15.90 -6.81
CA TYR A 968 -35.92 16.68 -5.88
C TYR A 968 -35.36 17.90 -6.60
N ASP A 969 -35.52 19.07 -6.00
CA ASP A 969 -34.94 20.29 -6.58
C ASP A 969 -34.03 21.00 -5.60
N GLY A 970 -33.49 20.30 -4.60
CA GLY A 970 -32.65 20.89 -3.60
C GLY A 970 -33.36 21.23 -2.31
N LYS A 971 -34.68 21.33 -2.33
CA LYS A 971 -35.42 21.60 -1.11
C LYS A 971 -35.63 20.30 -0.32
N PRO A 972 -35.65 20.39 1.01
CA PRO A 972 -35.78 19.18 1.84
C PRO A 972 -37.08 18.43 1.55
N VAL A 973 -36.98 17.10 1.55
CA VAL A 973 -38.10 16.20 1.31
C VAL A 973 -37.95 14.97 2.19
N SER A 974 -39.07 14.43 2.65
CA SER A 974 -39.10 13.26 3.53
C SER A 974 -39.78 12.09 2.84
N VAL A 975 -39.25 10.89 3.05
CA VAL A 975 -39.80 9.67 2.48
C VAL A 975 -39.99 8.67 3.63
N LEU A 976 -41.23 8.28 3.86
CA LEU A 976 -41.56 7.33 4.92
C LEU A 976 -41.60 5.91 4.38
N GLN A 977 -41.14 4.96 5.20
CA GLN A 977 -41.27 3.56 4.82
C GLN A 977 -42.72 3.08 4.98
N ARG A 978 -43.45 3.60 5.96
CA ARG A 978 -44.87 3.32 6.10
C ARG A 978 -45.68 4.18 5.13
#